data_2Q7D
#
_entry.id   2Q7D
#
_cell.length_a   63.157
_cell.length_b   94.607
_cell.length_c   130.583
_cell.angle_alpha   90.00
_cell.angle_beta   90.00
_cell.angle_gamma   90.00
#
_symmetry.space_group_name_H-M   'P 21 21 21'
#
loop_
_entity.id
_entity.type
_entity.pdbx_description
1 polymer 'Inositol-tetrakisphosphate 1-kinase'
2 non-polymer 'MANGANESE (II) ION'
3 non-polymer 'SULFATE ION'
4 non-polymer 'PHOSPHOAMINOPHOSPHONIC ACID-ADENYLATE ESTER'
5 water water
#
_entity_poly.entity_id   1
_entity_poly.type   'polypeptide(L)'
_entity_poly.pdbx_seq_one_letter_code
;GSDKIHHHHHHMQTFLKGKRVGYWLSEKKIKKLNFQAFAELCRKRGMEVVQLNLSRPIEEQGPLDVIIHKLTDVILEADQ
NDSQSLELVHRFQEYIDAHPETIVLDPLPAIRTLLDRSKSYELIRKIEAYMEDDRICSPPFMELTSLCGDDTMRLLEKNG
LTFPFICKTRVAHGTNSHEMAIVFNQEGLNAIQPPCVVQNFINHNAVLYKVFVVGESYTVVQRPSLKNFSAGTSDRESIF
FNSHNVSKPESSSVLTELDKIEGVFERPSDEVIRELSRALRQALGVSLFGIDIIINNQTGQHAVIDINAFPGYEGVSEFF
TDLLNHIATVLQGQSTAMAATGDVAL
;
_entity_poly.pdbx_strand_id   A,B
#
# COMPACT_ATOMS: atom_id res chain seq x y z
N LYS A 4 20.21 5.22 9.91
CA LYS A 4 18.73 5.11 10.17
C LYS A 4 17.85 5.64 9.02
N ILE A 5 18.47 5.96 7.88
CA ILE A 5 17.77 5.90 6.61
C ILE A 5 18.08 4.51 6.01
N HIS A 6 17.03 3.71 5.84
CA HIS A 6 17.25 2.31 5.46
C HIS A 6 16.85 2.00 4.06
N HIS A 7 16.10 2.92 3.44
CA HIS A 7 15.62 2.72 2.08
C HIS A 7 16.57 3.45 1.15
N HIS A 8 17.05 2.74 0.13
CA HIS A 8 18.03 3.31 -0.75
C HIS A 8 17.59 3.13 -2.18
N HIS A 9 18.28 3.77 -3.12
CA HIS A 9 17.88 3.67 -4.50
C HIS A 9 19.04 3.39 -5.42
N HIS A 10 20.22 3.16 -4.85
CA HIS A 10 21.38 3.02 -5.70
C HIS A 10 21.18 1.91 -6.71
N HIS A 11 20.64 0.78 -6.25
CA HIS A 11 20.42 -0.35 -7.15
C HIS A 11 19.31 -0.11 -8.17
N MET A 12 18.17 0.37 -7.75
CA MET A 12 17.16 0.65 -8.77
C MET A 12 17.54 1.79 -9.72
N GLN A 13 18.37 2.73 -9.27
CA GLN A 13 18.88 3.75 -10.19
C GLN A 13 19.74 3.22 -11.35
N THR A 14 20.23 1.99 -11.21
CA THR A 14 21.08 1.40 -12.25
C THR A 14 20.32 1.11 -13.54
N PHE A 15 19.00 1.02 -13.45
CA PHE A 15 18.16 0.71 -14.59
C PHE A 15 17.64 1.95 -15.34
N LEU A 16 18.06 3.13 -14.87
CA LEU A 16 17.59 4.39 -15.47
C LEU A 16 18.26 4.61 -16.82
N LYS A 17 19.45 4.04 -17.01
CA LYS A 17 20.17 4.20 -18.27
C LYS A 17 19.35 3.74 -19.47
N GLY A 18 19.24 4.64 -20.44
CA GLY A 18 18.55 4.35 -21.69
C GLY A 18 17.05 4.61 -21.63
N LYS A 19 16.54 4.91 -20.44
CA LYS A 19 15.11 5.20 -20.29
CA LYS A 19 15.11 5.19 -20.31
C LYS A 19 14.81 6.57 -20.86
N ARG A 20 13.59 6.75 -21.36
CA ARG A 20 13.14 8.00 -21.99
C ARG A 20 11.95 8.59 -21.21
N VAL A 21 12.09 9.85 -20.78
CA VAL A 21 11.07 10.54 -20.02
C VAL A 21 10.57 11.74 -20.81
N GLY A 22 9.26 11.80 -21.00
CA GLY A 22 8.62 12.93 -21.67
C GLY A 22 8.03 13.78 -20.56
N TYR A 23 8.06 15.10 -20.69
CA TYR A 23 7.28 15.91 -19.74
C TYR A 23 6.45 16.97 -20.39
N TRP A 24 5.29 17.24 -19.78
CA TRP A 24 4.49 18.38 -20.18
C TRP A 24 4.26 19.24 -18.97
N LEU A 25 4.79 20.45 -19.01
CA LEU A 25 4.59 21.43 -17.95
C LEU A 25 4.42 22.76 -18.65
N SER A 26 3.66 23.67 -18.03
CA SER A 26 3.52 25.00 -18.60
C SER A 26 4.88 25.69 -18.59
N GLU A 27 5.09 26.68 -19.45
CA GLU A 27 6.38 27.35 -19.41
CA GLU A 27 6.33 27.46 -19.43
C GLU A 27 6.57 28.01 -18.03
N LYS A 28 5.50 28.50 -17.41
CA LYS A 28 5.63 29.13 -16.10
C LYS A 28 6.10 28.13 -15.06
N LYS A 29 5.53 26.92 -15.08
CA LYS A 29 5.94 25.91 -14.13
C LYS A 29 7.37 25.41 -14.39
N ILE A 30 7.76 25.32 -15.66
CA ILE A 30 9.12 24.91 -16.01
C ILE A 30 10.10 25.91 -15.38
N LYS A 31 9.75 27.18 -15.48
CA LYS A 31 10.57 28.21 -14.86
C LYS A 31 10.62 28.09 -13.34
N LYS A 32 9.45 28.02 -12.69
CA LYS A 32 9.40 28.02 -11.23
C LYS A 32 10.14 26.83 -10.65
N LEU A 33 10.01 25.68 -11.29
CA LEU A 33 10.71 24.48 -10.84
C LEU A 33 12.20 24.46 -11.18
N ASN A 34 12.64 25.34 -12.07
CA ASN A 34 13.94 25.18 -12.74
C ASN A 34 14.03 23.74 -13.25
N PHE A 35 13.01 23.35 -14.01
CA PHE A 35 12.92 21.96 -14.44
C PHE A 35 14.06 21.52 -15.33
N GLN A 36 14.77 22.47 -15.95
CA GLN A 36 15.90 22.12 -16.81
C GLN A 36 17.00 21.45 -16.02
N ALA A 37 17.21 21.92 -14.78
CA ALA A 37 18.15 21.29 -13.86
C ALA A 37 17.78 19.85 -13.50
N PHE A 38 16.47 19.54 -13.47
CA PHE A 38 16.11 18.15 -13.25
C PHE A 38 16.47 17.34 -14.50
N ALA A 39 16.15 17.88 -15.66
CA ALA A 39 16.49 17.24 -16.93
C ALA A 39 17.98 16.94 -17.05
N GLU A 40 18.81 17.88 -16.61
CA GLU A 40 20.26 17.67 -16.54
C GLU A 40 20.65 16.46 -15.64
N LEU A 41 20.06 16.42 -14.44
CA LEU A 41 20.27 15.35 -13.47
C LEU A 41 20.01 13.98 -14.07
N CYS A 42 18.93 13.87 -14.85
CA CYS A 42 18.53 12.59 -15.47
C CYS A 42 19.49 12.18 -16.55
N ARG A 43 19.93 13.13 -17.36
CA ARG A 43 20.91 12.82 -18.39
CA ARG A 43 20.91 12.83 -18.40
CA ARG A 43 20.91 12.85 -18.40
C ARG A 43 22.16 12.19 -17.79
N LYS A 44 22.56 12.67 -16.62
CA LYS A 44 23.74 12.15 -15.91
C LYS A 44 23.63 10.67 -15.52
N ARG A 45 22.40 10.18 -15.39
CA ARG A 45 22.12 8.77 -15.14
C ARG A 45 21.87 7.99 -16.43
N GLY A 46 22.09 8.65 -17.56
CA GLY A 46 21.92 8.03 -18.87
C GLY A 46 20.48 7.99 -19.35
N MET A 47 19.65 8.86 -18.79
CA MET A 47 18.26 8.99 -19.23
C MET A 47 18.12 10.01 -20.36
N GLU A 48 17.10 9.83 -21.18
CA GLU A 48 16.73 10.88 -22.10
C GLU A 48 15.48 11.57 -21.58
N VAL A 49 15.49 12.90 -21.58
CA VAL A 49 14.34 13.66 -21.15
C VAL A 49 14.01 14.56 -22.32
N VAL A 50 12.72 14.71 -22.59
CA VAL A 50 12.34 15.58 -23.67
C VAL A 50 11.04 16.25 -23.25
N GLN A 51 10.92 17.53 -23.57
CA GLN A 51 9.65 18.21 -23.40
C GLN A 51 8.70 17.79 -24.50
N LEU A 52 7.51 17.35 -24.09
CA LEU A 52 6.49 16.99 -25.07
C LEU A 52 5.79 18.23 -25.63
N ASN A 53 5.41 18.14 -26.88
CA ASN A 53 4.56 19.15 -27.51
C ASN A 53 3.25 18.47 -27.89
N LEU A 54 2.19 18.73 -27.14
CA LEU A 54 0.92 18.03 -27.38
C LEU A 54 0.15 18.53 -28.60
N SER A 55 0.71 19.51 -29.32
CA SER A 55 0.13 19.96 -30.57
C SER A 55 0.57 19.09 -31.75
N ARG A 56 1.50 18.19 -31.47
CA ARG A 56 2.19 17.42 -32.50
C ARG A 56 1.89 15.98 -32.21
N PRO A 57 1.86 15.13 -33.27
CA PRO A 57 1.66 13.73 -33.03
C PRO A 57 2.67 13.25 -31.98
N ILE A 58 2.21 12.46 -31.05
CA ILE A 58 3.03 12.10 -29.91
C ILE A 58 3.86 10.85 -30.23
N GLU A 59 3.36 9.99 -31.13
CA GLU A 59 4.12 8.81 -31.54
C GLU A 59 5.58 9.15 -31.84
N GLU A 60 5.78 10.16 -32.69
CA GLU A 60 7.11 10.59 -33.16
C GLU A 60 7.98 11.12 -32.03
N GLN A 61 7.34 11.53 -30.94
CA GLN A 61 8.05 12.08 -29.80
C GLN A 61 8.53 10.97 -28.87
N GLY A 62 7.90 9.81 -28.98
CA GLY A 62 8.32 8.65 -28.20
C GLY A 62 9.32 7.83 -28.97
N PRO A 63 9.54 6.57 -28.54
CA PRO A 63 9.01 5.87 -27.36
C PRO A 63 9.29 6.60 -26.03
N LEU A 64 8.35 6.47 -25.10
CA LEU A 64 8.55 7.05 -23.79
C LEU A 64 8.31 5.97 -22.76
N ASP A 65 9.15 5.96 -21.75
CA ASP A 65 8.99 5.01 -20.67
C ASP A 65 8.20 5.63 -19.57
N VAL A 66 8.34 6.95 -19.42
CA VAL A 66 7.65 7.69 -18.37
C VAL A 66 7.19 9.01 -18.94
N ILE A 67 6.00 9.45 -18.52
CA ILE A 67 5.60 10.83 -18.78
C ILE A 67 5.33 11.48 -17.45
N ILE A 68 5.94 12.63 -17.25
CA ILE A 68 5.71 13.49 -16.06
C ILE A 68 4.92 14.69 -16.60
N HIS A 69 3.82 15.05 -15.94
CA HIS A 69 3.12 16.23 -16.42
C HIS A 69 2.39 16.98 -15.30
N LYS A 70 1.99 18.20 -15.64
CA LYS A 70 0.91 18.87 -14.90
C LYS A 70 -0.04 19.49 -15.86
N LEU A 71 -0.92 18.64 -16.37
CA LEU A 71 -1.94 19.07 -17.30
C LEU A 71 -3.15 19.64 -16.60
N THR A 72 -3.08 19.77 -15.27
CA THR A 72 -4.25 20.18 -14.48
C THR A 72 -5.10 21.29 -15.15
N ASP A 73 -4.45 22.40 -15.47
CA ASP A 73 -5.18 23.56 -15.98
C ASP A 73 -5.69 23.39 -17.40
N VAL A 74 -4.96 22.63 -18.20
CA VAL A 74 -5.43 22.28 -19.56
C VAL A 74 -6.69 21.43 -19.40
N ILE A 75 -6.69 20.51 -18.45
CA ILE A 75 -7.87 19.68 -18.19
C ILE A 75 -9.05 20.55 -17.76
N LEU A 76 -8.78 21.49 -16.85
CA LEU A 76 -9.81 22.39 -16.35
C LEU A 76 -10.38 23.25 -17.49
N GLU A 77 -9.50 23.73 -18.37
CA GLU A 77 -9.97 24.46 -19.55
C GLU A 77 -10.80 23.60 -20.49
N ALA A 78 -10.36 22.36 -20.71
CA ALA A 78 -11.10 21.41 -21.55
C ALA A 78 -12.48 21.14 -20.94
N ASP A 79 -12.55 21.09 -19.61
CA ASP A 79 -13.86 20.97 -18.90
C ASP A 79 -14.80 22.11 -19.19
N GLN A 80 -14.22 23.27 -19.49
CA GLN A 80 -14.96 24.50 -19.80
C GLN A 80 -15.09 24.64 -21.31
N ASN A 81 -14.84 23.52 -22.02
CA ASN A 81 -15.09 23.39 -23.46
C ASN A 81 -14.15 24.22 -24.34
N ASP A 82 -12.97 24.51 -23.80
CA ASP A 82 -11.95 25.12 -24.61
C ASP A 82 -11.50 24.16 -25.71
N SER A 83 -11.76 24.55 -26.95
CA SER A 83 -11.50 23.65 -28.07
C SER A 83 -10.03 23.23 -28.13
N GLN A 84 -9.11 24.17 -27.94
CA GLN A 84 -7.67 23.87 -28.02
C GLN A 84 -7.25 22.88 -26.92
N SER A 85 -7.74 23.12 -25.71
CA SER A 85 -7.42 22.30 -24.56
C SER A 85 -8.00 20.90 -24.76
N LEU A 86 -9.24 20.82 -25.23
CA LEU A 86 -9.84 19.52 -25.56
C LEU A 86 -9.00 18.68 -26.52
N GLU A 87 -8.52 19.33 -27.59
CA GLU A 87 -7.64 18.74 -28.59
CA GLU A 87 -7.64 18.72 -28.58
C GLU A 87 -6.38 18.18 -27.91
N LEU A 88 -5.77 18.99 -27.05
CA LEU A 88 -4.54 18.57 -26.38
C LEU A 88 -4.78 17.33 -25.52
N VAL A 89 -5.88 17.35 -24.76
CA VAL A 89 -6.16 16.28 -23.81
C VAL A 89 -6.50 15.03 -24.58
N HIS A 90 -7.30 15.18 -25.64
CA HIS A 90 -7.66 14.03 -26.47
C HIS A 90 -6.42 13.37 -27.01
N ARG A 91 -5.49 14.18 -27.54
CA ARG A 91 -4.28 13.67 -28.13
C ARG A 91 -3.46 12.89 -27.09
N PHE A 92 -3.31 13.51 -25.93
CA PHE A 92 -2.60 12.92 -24.82
C PHE A 92 -3.26 11.59 -24.47
N GLN A 93 -4.57 11.63 -24.29
CA GLN A 93 -5.34 10.45 -23.94
C GLN A 93 -5.21 9.32 -24.96
N GLU A 94 -5.34 9.65 -26.24
CA GLU A 94 -5.16 8.68 -27.33
C GLU A 94 -3.81 8.01 -27.20
N TYR A 95 -2.78 8.81 -26.93
CA TYR A 95 -1.44 8.27 -26.86
C TYR A 95 -1.25 7.32 -25.69
N ILE A 96 -1.67 7.76 -24.51
CA ILE A 96 -1.60 6.98 -23.29
C ILE A 96 -2.34 5.65 -23.48
N ASP A 97 -3.53 5.74 -24.04
CA ASP A 97 -4.33 4.53 -24.33
C ASP A 97 -3.63 3.52 -25.22
N ALA A 98 -2.88 4.02 -26.20
CA ALA A 98 -2.14 3.22 -27.19
C ALA A 98 -0.85 2.65 -26.59
N HIS A 99 -0.40 3.26 -25.49
CA HIS A 99 0.87 2.90 -24.86
C HIS A 99 0.81 2.61 -23.37
N PRO A 100 0.18 1.49 -23.01
CA PRO A 100 0.10 1.09 -21.61
C PRO A 100 1.46 0.92 -20.93
N GLU A 101 2.52 0.67 -21.72
CA GLU A 101 3.89 0.56 -21.20
C GLU A 101 4.44 1.89 -20.68
N THR A 102 3.82 3.00 -21.06
CA THR A 102 4.32 4.30 -20.62
C THR A 102 3.72 4.62 -19.27
N ILE A 103 4.59 4.82 -18.29
CA ILE A 103 4.16 5.16 -16.94
C ILE A 103 3.81 6.65 -16.91
N VAL A 104 2.61 6.99 -16.48
CA VAL A 104 2.17 8.39 -16.44
C VAL A 104 2.19 8.89 -15.00
N LEU A 105 2.99 9.94 -14.76
CA LEU A 105 3.00 10.59 -13.46
C LEU A 105 2.32 11.95 -13.59
N ASP A 106 1.03 12.10 -13.26
CA ASP A 106 0.17 11.02 -12.77
C ASP A 106 -1.05 10.77 -13.65
N PRO A 107 -1.66 9.59 -13.51
CA PRO A 107 -2.78 9.25 -14.40
C PRO A 107 -3.87 10.32 -14.38
N LEU A 108 -4.48 10.59 -15.52
CA LEU A 108 -5.49 11.63 -15.54
C LEU A 108 -6.67 11.37 -14.60
N PRO A 109 -7.15 10.11 -14.47
CA PRO A 109 -8.20 9.88 -13.50
C PRO A 109 -7.78 10.31 -12.10
N ALA A 110 -6.51 10.06 -11.75
CA ALA A 110 -6.00 10.46 -10.46
C ALA A 110 -6.06 11.98 -10.35
N ILE A 111 -5.57 12.69 -11.38
CA ILE A 111 -5.59 14.17 -11.42
C ILE A 111 -6.97 14.74 -11.25
N ARG A 112 -7.94 14.17 -11.97
CA ARG A 112 -9.33 14.64 -11.98
C ARG A 112 -9.95 14.65 -10.60
N THR A 113 -9.58 13.69 -9.76
CA THR A 113 -10.07 13.66 -8.37
C THR A 113 -9.71 14.94 -7.64
N LEU A 114 -8.56 15.52 -7.96
CA LEU A 114 -8.08 16.64 -7.16
C LEU A 114 -8.50 17.98 -7.76
N LEU A 115 -9.27 17.92 -8.83
CA LEU A 115 -9.70 19.13 -9.53
C LEU A 115 -10.88 19.81 -8.88
N ASP A 116 -11.62 19.03 -8.09
CA ASP A 116 -12.82 19.52 -7.47
C ASP A 116 -12.67 19.37 -5.95
N ARG A 117 -12.81 20.49 -5.23
CA ARG A 117 -12.57 20.45 -3.78
C ARG A 117 -13.53 19.50 -3.07
N SER A 118 -14.81 19.60 -3.37
CA SER A 118 -15.76 18.76 -2.66
C SER A 118 -15.46 17.29 -2.87
N LYS A 119 -15.25 16.89 -4.12
CA LYS A 119 -14.89 15.50 -4.41
C LYS A 119 -13.63 15.05 -3.69
N SER A 120 -12.62 15.89 -3.70
CA SER A 120 -11.37 15.59 -3.01
CA SER A 120 -11.37 15.57 -3.02
C SER A 120 -11.58 15.48 -1.51
N TYR A 121 -12.34 16.41 -0.95
CA TYR A 121 -12.55 16.35 0.50
C TYR A 121 -13.34 15.11 0.89
N GLU A 122 -14.25 14.72 0.01
CA GLU A 122 -15.03 13.50 0.30
C GLU A 122 -14.15 12.25 0.20
N LEU A 123 -13.23 12.23 -0.76
CA LEU A 123 -12.29 11.11 -0.88
C LEU A 123 -11.40 11.04 0.35
N ILE A 124 -10.93 12.19 0.84
CA ILE A 124 -10.10 12.19 2.05
C ILE A 124 -10.94 11.68 3.23
N ARG A 125 -12.19 12.13 3.31
CA ARG A 125 -13.07 11.72 4.39
C ARG A 125 -13.24 10.19 4.39
N LYS A 126 -13.51 9.62 3.21
CA LYS A 126 -13.70 8.16 3.09
C LYS A 126 -12.41 7.41 3.44
N ILE A 127 -11.29 7.91 2.91
CA ILE A 127 -10.04 7.29 3.21
C ILE A 127 -9.79 7.30 4.71
N GLU A 128 -10.03 8.44 5.35
CA GLU A 128 -9.83 8.54 6.79
C GLU A 128 -10.75 7.62 7.58
N ALA A 129 -12.02 7.51 7.19
CA ALA A 129 -12.96 6.59 7.84
C ALA A 129 -12.45 5.15 7.75
N TYR A 130 -11.79 4.84 6.63
CA TYR A 130 -11.30 3.50 6.41
C TYR A 130 -10.07 3.23 7.31
N MET A 131 -9.22 4.24 7.47
CA MET A 131 -8.01 4.13 8.29
C MET A 131 -8.33 4.10 9.77
N GLU A 132 -9.41 4.79 10.17
CA GLU A 132 -9.88 4.84 11.57
C GLU A 132 -8.75 5.11 12.57
N ASP A 133 -8.02 6.22 12.33
CA ASP A 133 -6.94 6.66 13.19
C ASP A 133 -7.47 7.86 13.97
N ASP A 134 -7.46 7.77 15.30
CA ASP A 134 -8.04 8.85 16.11
C ASP A 134 -7.16 10.10 16.12
N ARG A 135 -6.00 10.03 15.45
CA ARG A 135 -5.15 11.22 15.32
C ARG A 135 -5.54 12.10 14.14
N ILE A 136 -6.55 11.67 13.37
CA ILE A 136 -6.94 12.38 12.17
C ILE A 136 -8.41 12.77 12.22
N CYS A 137 -8.72 13.99 11.76
CA CYS A 137 -10.10 14.43 11.66
CA CYS A 137 -10.11 14.38 11.65
C CYS A 137 -10.38 15.03 10.29
N SER A 138 -11.61 14.82 9.79
CA SER A 138 -12.05 15.41 8.53
C SER A 138 -13.00 16.56 8.93
N PRO A 139 -12.57 17.84 8.75
CA PRO A 139 -13.52 18.91 9.08
C PRO A 139 -14.76 18.73 8.25
N PRO A 140 -15.93 18.89 8.88
CA PRO A 140 -17.16 18.88 8.12
C PRO A 140 -17.07 19.87 6.95
N PHE A 141 -17.65 19.45 5.84
CA PHE A 141 -17.64 20.26 4.65
C PHE A 141 -18.89 19.90 3.86
N MET A 142 -19.26 20.81 2.97
CA MET A 142 -20.28 20.49 2.00
C MET A 142 -20.16 21.50 0.88
N GLU A 143 -20.86 21.19 -0.20
CA GLU A 143 -20.96 22.11 -1.32
C GLU A 143 -22.31 22.80 -1.29
N LEU A 144 -22.29 24.13 -1.31
CA LEU A 144 -23.50 24.95 -1.45
C LEU A 144 -23.63 25.33 -2.93
N THR A 145 -24.78 25.04 -3.51
CA THR A 145 -24.93 25.36 -4.94
C THR A 145 -25.83 26.56 -5.11
N SER A 146 -26.85 26.66 -4.26
CA SER A 146 -27.79 27.76 -4.37
C SER A 146 -27.30 28.94 -3.55
N LEU A 147 -27.72 30.13 -3.96
CA LEU A 147 -27.47 31.33 -3.18
C LEU A 147 -28.15 31.20 -1.82
N CYS A 148 -27.55 31.79 -0.79
CA CYS A 148 -28.06 31.70 0.56
C CYS A 148 -29.50 32.19 0.68
N GLY A 149 -30.24 31.59 1.61
CA GLY A 149 -31.62 31.96 1.88
C GLY A 149 -32.16 31.36 3.17
N ASP A 150 -33.48 31.17 3.19
CA ASP A 150 -34.18 30.72 4.40
C ASP A 150 -33.86 29.32 4.90
N ASP A 151 -33.34 28.47 4.01
CA ASP A 151 -33.08 27.09 4.39
C ASP A 151 -31.60 26.83 4.65
N THR A 152 -30.77 27.84 4.37
CA THR A 152 -29.30 27.66 4.41
C THR A 152 -28.80 27.20 5.79
N MET A 153 -29.28 27.87 6.83
CA MET A 153 -28.90 27.55 8.20
C MET A 153 -29.15 26.10 8.57
N ARG A 154 -30.33 25.59 8.23
CA ARG A 154 -30.67 24.19 8.54
C ARG A 154 -29.85 23.21 7.70
N LEU A 155 -29.58 23.59 6.45
CA LEU A 155 -28.75 22.78 5.55
C LEU A 155 -27.34 22.61 6.10
N LEU A 156 -26.74 23.72 6.52
CA LEU A 156 -25.42 23.72 7.15
C LEU A 156 -25.44 22.86 8.41
N GLU A 157 -26.44 23.09 9.26
CA GLU A 157 -26.51 22.41 10.52
C GLU A 157 -26.56 20.88 10.33
N LYS A 158 -27.37 20.40 9.38
CA LYS A 158 -27.54 18.96 9.24
C LYS A 158 -26.27 18.30 8.66
N ASN A 159 -25.42 19.10 8.02
CA ASN A 159 -24.14 18.61 7.51
C ASN A 159 -22.96 18.85 8.43
N GLY A 160 -23.24 19.35 9.62
CA GLY A 160 -22.22 19.51 10.66
C GLY A 160 -21.38 20.76 10.50
N LEU A 161 -21.78 21.61 9.56
CA LEU A 161 -21.16 22.92 9.42
C LEU A 161 -21.49 23.79 10.63
N THR A 162 -20.45 24.44 11.15
CA THR A 162 -20.59 25.37 12.26
C THR A 162 -19.85 26.66 11.92
N PHE A 163 -20.19 27.73 12.63
CA PHE A 163 -19.41 28.96 12.51
C PHE A 163 -18.20 28.87 13.42
N PRO A 164 -17.06 29.38 12.96
CA PRO A 164 -16.83 29.92 11.62
C PRO A 164 -16.54 28.80 10.61
N PHE A 165 -16.83 29.07 9.34
CA PHE A 165 -16.41 28.15 8.30
C PHE A 165 -15.81 28.94 7.16
N ILE A 166 -14.99 28.27 6.37
CA ILE A 166 -14.32 28.91 5.24
C ILE A 166 -14.98 28.47 3.95
N CYS A 167 -15.11 29.41 3.02
CA CYS A 167 -15.78 29.20 1.75
C CYS A 167 -14.66 29.17 0.73
N LYS A 168 -14.71 28.19 -0.15
CA LYS A 168 -13.70 28.00 -1.19
C LYS A 168 -14.41 27.69 -2.50
N THR A 169 -13.76 27.99 -3.62
CA THR A 169 -14.34 27.59 -4.90
C THR A 169 -14.38 26.08 -5.06
N ARG A 170 -15.31 25.60 -5.89
CA ARG A 170 -15.36 24.17 -6.15
C ARG A 170 -14.17 23.74 -6.98
N VAL A 171 -13.91 24.49 -8.05
CA VAL A 171 -12.68 24.27 -8.84
C VAL A 171 -11.44 24.49 -7.97
N ALA A 172 -10.56 23.50 -7.96
CA ALA A 172 -9.48 23.43 -6.98
C ALA A 172 -8.11 24.03 -7.41
N HIS A 173 -8.02 24.54 -8.63
CA HIS A 173 -6.80 25.09 -9.11
C HIS A 173 -7.09 26.11 -10.18
N GLY A 174 -6.08 26.95 -10.39
CA GLY A 174 -6.05 27.86 -11.49
C GLY A 174 -6.66 29.19 -11.16
N THR A 175 -6.83 29.96 -12.23
CA THR A 175 -7.53 31.21 -12.16
C THR A 175 -8.88 30.95 -11.57
N ASN A 176 -9.24 31.83 -10.64
CA ASN A 176 -10.56 31.79 -10.01
C ASN A 176 -10.69 30.56 -9.11
N SER A 177 -9.58 30.19 -8.45
CA SER A 177 -9.64 29.16 -7.41
C SER A 177 -9.17 29.55 -6.02
N HIS A 178 -8.68 30.78 -5.91
CA HIS A 178 -8.00 31.21 -4.68
C HIS A 178 -8.79 32.17 -3.80
N GLU A 179 -9.93 32.68 -4.27
CA GLU A 179 -10.72 33.63 -3.45
C GLU A 179 -11.51 32.80 -2.47
N MET A 180 -11.39 33.17 -1.19
CA MET A 180 -12.06 32.46 -0.12
C MET A 180 -12.69 33.44 0.84
N ALA A 181 -13.53 32.91 1.72
CA ALA A 181 -14.18 33.76 2.72
C ALA A 181 -14.25 33.01 4.02
N ILE A 182 -14.24 33.75 5.10
CA ILE A 182 -14.54 33.13 6.40
C ILE A 182 -15.80 33.74 6.93
N VAL A 183 -16.79 32.89 7.24
CA VAL A 183 -18.12 33.33 7.66
C VAL A 183 -18.23 33.00 9.17
N PHE A 184 -18.66 33.99 9.94
CA PHE A 184 -18.59 33.91 11.40
C PHE A 184 -19.95 33.83 12.02
N ASN A 185 -20.99 34.16 11.25
CA ASN A 185 -22.32 34.21 11.80
C ASN A 185 -23.39 34.20 10.69
N GLN A 186 -24.63 34.06 11.11
CA GLN A 186 -25.71 34.01 10.14
C GLN A 186 -25.78 35.26 9.23
N GLU A 187 -25.52 36.45 9.75
CA GLU A 187 -25.57 37.66 8.94
C GLU A 187 -24.48 37.59 7.86
N GLY A 188 -23.42 36.84 8.13
CA GLY A 188 -22.33 36.72 7.18
C GLY A 188 -22.59 35.83 5.96
N LEU A 189 -23.77 35.24 5.89
CA LEU A 189 -24.10 34.27 4.84
C LEU A 189 -24.42 34.77 3.41
N ASN A 190 -23.93 35.93 3.01
CA ASN A 190 -24.05 36.37 1.61
C ASN A 190 -22.83 35.92 0.80
N ALA A 191 -21.72 35.73 1.53
CA ALA A 191 -20.51 35.07 1.03
C ALA A 191 -20.83 33.67 0.52
N PRO A 194 -22.38 31.92 -3.25
CA PRO A 194 -22.35 30.53 -3.79
C PRO A 194 -22.52 30.52 -5.30
N PRO A 195 -22.16 29.41 -5.98
CA PRO A 195 -21.67 28.12 -5.47
C PRO A 195 -20.31 28.21 -4.82
N CYS A 196 -20.12 27.36 -3.80
CA CYS A 196 -18.81 27.19 -3.18
C CYS A 196 -18.81 25.98 -2.25
N VAL A 197 -17.62 25.51 -1.88
CA VAL A 197 -17.45 24.52 -0.82
CA VAL A 197 -17.49 24.51 -0.81
C VAL A 197 -17.33 25.27 0.49
N VAL A 198 -17.95 24.76 1.53
CA VAL A 198 -17.79 25.33 2.85
C VAL A 198 -17.19 24.24 3.72
N GLN A 199 -16.27 24.64 4.58
CA GLN A 199 -15.53 23.71 5.42
C GLN A 199 -15.30 24.35 6.79
N ASN A 200 -15.59 23.61 7.86
CA ASN A 200 -15.40 24.21 9.18
C ASN A 200 -14.00 24.71 9.35
N PHE A 201 -13.88 25.91 9.89
CA PHE A 201 -12.60 26.49 10.18
C PHE A 201 -12.07 25.89 11.47
N ILE A 202 -10.82 25.45 11.41
CA ILE A 202 -10.17 24.83 12.53
C ILE A 202 -9.03 25.71 13.03
N ASN A 203 -9.14 26.14 14.29
CA ASN A 203 -8.04 26.88 14.89
C ASN A 203 -6.84 25.97 14.99
N HIS A 204 -5.69 26.50 14.59
CA HIS A 204 -4.48 25.65 14.50
C HIS A 204 -3.22 26.43 14.72
N ASN A 205 -3.32 27.51 15.50
CA ASN A 205 -2.16 28.31 15.88
C ASN A 205 -1.30 28.80 14.71
N ALA A 206 -1.98 29.03 13.59
CA ALA A 206 -1.42 29.77 12.47
C ALA A 206 -0.17 29.13 11.86
N VAL A 207 -0.10 27.81 11.93
CA VAL A 207 1.00 27.08 11.30
C VAL A 207 0.41 25.98 10.38
N LEU A 208 0.80 26.06 9.12
CA LEU A 208 0.41 25.11 8.11
C LEU A 208 1.57 24.18 7.89
N TYR A 209 1.29 22.89 7.84
CA TYR A 209 2.35 21.89 7.54
C TYR A 209 2.06 21.38 6.17
N LYS A 210 2.81 21.93 5.20
CA LYS A 210 2.66 21.44 3.83
C LYS A 210 3.42 20.16 3.70
N VAL A 211 2.72 19.06 3.47
CA VAL A 211 3.40 17.79 3.21
C VAL A 211 3.55 17.68 1.72
N PHE A 212 4.79 17.72 1.25
CA PHE A 212 5.08 17.64 -0.17
C PHE A 212 5.49 16.25 -0.49
N VAL A 213 4.65 15.56 -1.23
CA VAL A 213 4.90 14.14 -1.49
C VAL A 213 5.49 13.93 -2.88
N VAL A 214 6.55 13.12 -2.91
CA VAL A 214 7.13 12.70 -4.17
C VAL A 214 7.17 11.17 -4.09
N GLY A 215 6.04 10.54 -4.38
CA GLY A 215 5.97 9.12 -4.30
C GLY A 215 6.27 8.62 -2.90
N GLU A 216 7.33 7.83 -2.79
CA GLU A 216 7.71 7.15 -1.58
C GLU A 216 8.33 8.02 -0.50
N SER A 217 8.62 9.29 -0.82
CA SER A 217 9.21 10.23 0.12
CA SER A 217 9.17 10.20 0.16
C SER A 217 8.35 11.47 0.24
N TYR A 218 8.42 12.10 1.39
CA TYR A 218 7.75 13.42 1.54
C TYR A 218 8.64 14.34 2.33
N THR A 219 8.34 15.64 2.21
CA THR A 219 8.99 16.67 2.99
C THR A 219 7.91 17.54 3.59
N VAL A 220 8.07 17.86 4.88
CA VAL A 220 7.11 18.76 5.52
C VAL A 220 7.72 20.16 5.54
N VAL A 221 6.97 21.12 5.02
CA VAL A 221 7.43 22.51 5.00
C VAL A 221 6.43 23.37 5.74
N GLN A 222 6.89 24.04 6.80
CA GLN A 222 6.00 24.91 7.57
C GLN A 222 5.75 26.21 6.79
N ARG A 223 4.49 26.65 6.80
CA ARG A 223 4.09 27.89 6.18
C ARG A 223 3.24 28.74 7.10
N PRO A 224 3.17 30.05 6.83
CA PRO A 224 2.18 30.90 7.51
C PRO A 224 0.79 30.36 7.22
N SER A 225 -0.14 30.69 8.11
CA SER A 225 -1.47 30.15 8.01
C SER A 225 -2.43 31.05 8.76
N LEU A 226 -3.71 30.92 8.48
CA LEU A 226 -4.73 31.75 9.12
C LEU A 226 -4.67 31.62 10.63
N LYS A 227 -4.82 32.77 11.28
CA LYS A 227 -4.75 32.87 12.72
C LYS A 227 -5.91 32.17 13.41
N ASN A 228 -5.83 32.06 14.72
CA ASN A 228 -6.99 31.59 15.43
C ASN A 228 -8.06 32.68 15.47
N PHE A 229 -9.31 32.23 15.53
CA PHE A 229 -10.45 33.12 15.79
C PHE A 229 -11.25 32.64 17.00
N SER A 234 -18.86 35.51 17.37
CA SER A 234 -18.31 36.45 16.38
C SER A 234 -19.42 37.16 15.62
N ASP A 235 -19.66 38.42 15.99
CA ASP A 235 -20.56 39.34 15.30
C ASP A 235 -19.84 40.02 14.11
N ARG A 236 -18.63 39.55 13.82
CA ARG A 236 -17.77 40.24 12.89
C ARG A 236 -18.15 40.00 11.43
N GLU A 237 -17.84 40.98 10.59
CA GLU A 237 -18.03 40.90 9.14
C GLU A 237 -17.27 39.71 8.59
N SER A 238 -17.84 39.05 7.59
CA SER A 238 -17.11 37.95 6.92
C SER A 238 -15.80 38.48 6.37
N ILE A 239 -14.79 37.61 6.42
CA ILE A 239 -13.49 37.92 5.89
C ILE A 239 -13.36 37.38 4.47
N PHE A 240 -12.88 38.21 3.57
CA PHE A 240 -12.59 37.75 2.21
C PHE A 240 -11.12 37.87 1.99
N PHE A 241 -10.50 36.83 1.43
CA PHE A 241 -9.06 36.88 1.20
C PHE A 241 -8.74 36.04 -0.01
N ASN A 242 -7.54 36.22 -0.56
CA ASN A 242 -7.09 35.38 -1.66
C ASN A 242 -6.00 34.49 -1.13
N SER A 243 -6.13 33.19 -1.33
CA SER A 243 -5.17 32.30 -0.73
C SER A 243 -3.73 32.45 -1.24
N HIS A 244 -3.53 33.11 -2.39
CA HIS A 244 -2.14 33.49 -2.81
C HIS A 244 -1.39 34.29 -1.72
N ASN A 245 -2.13 35.03 -0.91
CA ASN A 245 -1.57 35.97 0.05
C ASN A 245 -1.35 35.37 1.44
N VAL A 246 -1.69 34.09 1.62
CA VAL A 246 -1.78 33.56 2.98
C VAL A 246 -0.67 32.60 3.42
N SER A 247 -0.33 31.67 2.54
CA SER A 247 0.47 30.51 2.96
C SER A 247 1.65 30.22 2.05
N LYS A 248 2.15 31.30 1.46
CA LYS A 248 3.45 31.28 0.78
C LYS A 248 4.60 31.53 1.75
N PRO A 249 5.82 31.14 1.36
CA PRO A 249 6.98 31.28 2.23
C PRO A 249 7.05 32.65 2.88
N GLU A 250 6.90 33.69 2.06
CA GLU A 250 7.12 35.07 2.48
C GLU A 250 5.83 35.80 2.90
N SER A 251 4.70 35.09 2.85
CA SER A 251 3.41 35.61 3.26
C SER A 251 3.45 36.21 4.65
N SER A 252 2.89 37.41 4.77
CA SER A 252 2.78 38.10 6.03
C SER A 252 1.61 39.07 5.95
N SER A 253 0.66 38.92 6.86
CA SER A 253 -0.51 39.79 6.90
C SER A 253 -1.19 39.58 8.24
N VAL A 254 -2.07 40.49 8.62
CA VAL A 254 -2.74 40.33 9.90
C VAL A 254 -3.55 39.03 9.97
N LEU A 255 -3.94 38.49 8.81
CA LEU A 255 -4.72 37.24 8.77
C LEU A 255 -3.94 36.04 9.27
N THR A 256 -2.62 36.16 9.26
CA THR A 256 -1.78 35.03 9.61
C THR A 256 -0.92 35.33 10.85
N GLU A 257 -1.15 36.48 11.48
CA GLU A 257 -0.41 36.87 12.68
C GLU A 257 -1.12 36.34 13.90
N LEU A 258 -0.55 35.30 14.50
CA LEU A 258 -1.18 34.69 15.66
C LEU A 258 -1.10 35.60 16.87
N ASP A 259 -2.24 35.80 17.53
CA ASP A 259 -2.34 36.64 18.71
C ASP A 259 -1.59 35.93 19.84
N LYS A 260 -1.88 34.64 20.05
CA LYS A 260 -1.21 33.81 21.06
C LYS A 260 -1.47 32.33 20.81
N ILE A 261 -0.49 31.49 21.17
CA ILE A 261 -0.71 30.05 21.15
C ILE A 261 -1.84 29.70 22.12
N GLU A 262 -2.76 28.90 21.61
CA GLU A 262 -3.91 28.39 22.38
C GLU A 262 -4.08 26.91 22.14
N GLY A 263 -4.44 26.20 23.21
CA GLY A 263 -4.68 24.78 23.15
C GLY A 263 -3.49 23.97 22.70
N VAL A 264 -3.79 22.90 21.99
CA VAL A 264 -2.79 21.92 21.63
C VAL A 264 -1.95 22.51 20.52
N PHE A 265 -0.63 22.48 20.70
CA PHE A 265 0.28 23.02 19.71
C PHE A 265 1.46 22.03 19.55
N GLU A 266 1.35 21.15 18.56
CA GLU A 266 2.32 20.10 18.28
C GLU A 266 2.60 20.05 16.80
N ARG A 267 3.74 19.49 16.43
CA ARG A 267 4.01 19.17 15.05
C ARG A 267 3.28 17.89 14.65
N PRO A 268 3.05 17.72 13.35
CA PRO A 268 2.40 16.51 12.89
C PRO A 268 3.27 15.28 13.12
N SER A 269 2.58 14.17 13.23
CA SER A 269 3.18 12.86 13.46
C SER A 269 3.62 12.29 12.12
N ASP A 270 4.90 11.93 12.02
CA ASP A 270 5.35 11.21 10.83
C ASP A 270 4.63 9.91 10.56
N GLU A 271 4.25 9.20 11.63
CA GLU A 271 3.47 7.97 11.49
C GLU A 271 2.16 8.26 10.76
N VAL A 272 1.48 9.30 11.22
CA VAL A 272 0.25 9.72 10.56
C VAL A 272 0.46 10.17 9.12
N ILE A 273 1.52 10.93 8.88
CA ILE A 273 1.76 11.39 7.52
C ILE A 273 2.02 10.20 6.62
N ARG A 274 2.80 9.24 7.13
CA ARG A 274 3.08 8.06 6.30
C ARG A 274 1.81 7.32 5.93
N GLU A 275 0.89 7.14 6.87
CA GLU A 275 -0.33 6.41 6.57
C GLU A 275 -1.21 7.16 5.59
N LEU A 276 -1.34 8.46 5.79
CA LEU A 276 -2.05 9.28 4.81
C LEU A 276 -1.45 9.26 3.44
N SER A 277 -0.13 9.39 3.36
CA SER A 277 0.54 9.37 2.07
C SER A 277 0.25 8.02 1.37
N ARG A 278 0.47 6.91 2.07
CA ARG A 278 0.27 5.59 1.46
C ARG A 278 -1.17 5.49 0.98
N ALA A 279 -2.12 5.88 1.85
CA ALA A 279 -3.55 5.64 1.54
C ALA A 279 -3.97 6.52 0.36
N LEU A 280 -3.51 7.78 0.36
CA LEU A 280 -3.86 8.65 -0.78
C LEU A 280 -3.23 8.20 -2.07
N ARG A 281 -1.96 7.84 -2.01
CA ARG A 281 -1.28 7.34 -3.18
C ARG A 281 -1.95 6.08 -3.70
N GLN A 282 -2.28 5.15 -2.80
CA GLN A 282 -2.77 3.86 -3.25
C GLN A 282 -4.22 3.92 -3.75
N ALA A 283 -5.02 4.77 -3.11
CA ALA A 283 -6.45 4.89 -3.46
C ALA A 283 -6.62 5.75 -4.69
N LEU A 284 -5.87 6.86 -4.77
CA LEU A 284 -6.14 7.83 -5.83
C LEU A 284 -5.22 7.61 -7.02
N GLY A 285 -4.01 7.10 -6.80
CA GLY A 285 -3.07 6.85 -7.88
C GLY A 285 -2.14 8.01 -8.21
N VAL A 286 -2.20 9.02 -7.38
CA VAL A 286 -1.28 10.15 -7.50
C VAL A 286 0.04 9.83 -6.82
N SER A 287 1.07 10.56 -7.19
CA SER A 287 2.40 10.38 -6.59
C SER A 287 3.08 11.72 -6.34
N LEU A 288 2.76 12.71 -7.19
CA LEU A 288 3.36 14.04 -7.11
C LEU A 288 2.25 14.97 -6.64
N PHE A 289 2.19 15.17 -5.33
CA PHE A 289 1.08 15.95 -4.76
C PHE A 289 1.45 16.46 -3.40
N GLY A 290 0.63 17.40 -2.90
CA GLY A 290 0.83 17.93 -1.58
C GLY A 290 -0.46 17.79 -0.81
N ILE A 291 -0.31 17.53 0.47
CA ILE A 291 -1.46 17.74 1.34
C ILE A 291 -1.10 18.73 2.42
N ASP A 292 -2.07 19.60 2.72
CA ASP A 292 -1.86 20.64 3.69
C ASP A 292 -2.48 20.15 4.96
N ILE A 293 -1.66 20.00 6.00
CA ILE A 293 -2.11 19.55 7.30
C ILE A 293 -2.02 20.69 8.29
N ILE A 294 -3.08 20.81 9.09
CA ILE A 294 -3.08 21.69 10.27
C ILE A 294 -3.37 20.82 11.49
N ILE A 295 -2.89 21.28 12.63
CA ILE A 295 -3.09 20.56 13.89
C ILE A 295 -4.19 21.28 14.65
N ASN A 296 -5.34 20.63 14.77
CA ASN A 296 -6.49 21.17 15.51
C ASN A 296 -6.07 21.49 16.94
N ASN A 297 -6.25 22.73 17.37
CA ASN A 297 -5.80 23.06 18.72
C ASN A 297 -6.72 22.61 19.85
N GLN A 298 -7.89 22.04 19.54
CA GLN A 298 -8.78 21.53 20.59
C GLN A 298 -8.57 20.03 20.82
N THR A 299 -8.07 19.36 19.80
CA THR A 299 -8.01 17.89 19.87
C THR A 299 -6.60 17.37 19.60
N GLY A 300 -5.75 18.20 19.01
CA GLY A 300 -4.42 17.74 18.57
C GLY A 300 -4.45 16.92 17.29
N GLN A 301 -5.64 16.70 16.72
CA GLN A 301 -5.76 15.86 15.52
C GLN A 301 -5.24 16.57 14.30
N HIS A 302 -4.83 15.75 13.33
CA HIS A 302 -4.40 16.23 12.02
C HIS A 302 -5.58 16.43 11.12
N ALA A 303 -5.66 17.61 10.50
CA ALA A 303 -6.73 17.86 9.55
C ALA A 303 -6.12 18.21 8.23
N VAL A 304 -6.54 17.48 7.20
CA VAL A 304 -6.10 17.81 5.83
C VAL A 304 -7.10 18.82 5.26
N ILE A 305 -6.60 20.01 4.98
CA ILE A 305 -7.51 21.07 4.52
C ILE A 305 -7.38 21.40 3.02
N ASP A 306 -6.43 20.77 2.34
CA ASP A 306 -6.15 21.08 0.95
C ASP A 306 -5.32 19.89 0.45
N ILE A 307 -5.56 19.53 -0.81
CA ILE A 307 -4.76 18.53 -1.47
C ILE A 307 -4.52 19.01 -2.91
N ASN A 308 -3.27 18.94 -3.37
CA ASN A 308 -2.92 19.57 -4.64
C ASN A 308 -2.09 18.65 -5.50
N ALA A 309 -2.48 18.55 -6.76
CA ALA A 309 -1.67 17.80 -7.68
C ALA A 309 -0.44 18.64 -8.06
N PHE A 310 0.71 17.97 -8.09
CA PHE A 310 1.98 18.55 -8.51
C PHE A 310 2.16 20.05 -8.16
N PRO A 311 2.26 20.33 -6.86
CA PRO A 311 2.41 21.72 -6.41
C PRO A 311 3.82 22.32 -6.68
N GLY A 312 4.13 23.43 -5.99
CA GLY A 312 5.40 24.16 -6.22
C GLY A 312 6.64 23.54 -5.57
N TYR A 313 6.44 22.78 -4.50
CA TYR A 313 7.54 22.22 -3.73
C TYR A 313 8.55 23.29 -3.24
N GLU A 314 8.09 24.54 -3.06
CA GLU A 314 8.96 25.58 -2.49
C GLU A 314 9.36 25.19 -1.10
N GLY A 315 10.68 25.10 -0.90
CA GLY A 315 11.29 24.71 0.36
C GLY A 315 11.70 23.26 0.42
N VAL A 316 11.44 22.52 -0.66
CA VAL A 316 11.81 21.12 -0.74
C VAL A 316 13.10 21.03 -1.54
N SER A 317 14.21 21.10 -0.84
CA SER A 317 15.51 21.18 -1.52
C SER A 317 15.86 19.85 -2.19
N GLU A 318 15.32 18.76 -1.67
CA GLU A 318 15.58 17.42 -2.20
C GLU A 318 14.60 17.03 -3.32
N PHE A 319 13.82 17.98 -3.83
CA PHE A 319 12.80 17.61 -4.80
C PHE A 319 13.34 16.84 -5.99
N PHE A 320 14.44 17.31 -6.58
CA PHE A 320 14.95 16.64 -7.77
C PHE A 320 15.42 15.22 -7.46
N THR A 321 16.18 15.04 -6.37
CA THR A 321 16.66 13.69 -6.12
C THR A 321 15.48 12.81 -5.79
N ASP A 322 14.51 13.34 -5.03
CA ASP A 322 13.31 12.53 -4.74
C ASP A 322 12.52 12.17 -6.01
N LEU A 323 12.42 13.11 -6.94
CA LEU A 323 11.72 12.83 -8.18
C LEU A 323 12.42 11.72 -8.98
N LEU A 324 13.75 11.83 -9.08
CA LEU A 324 14.52 10.82 -9.74
C LEU A 324 14.34 9.46 -9.07
N ASN A 325 14.36 9.45 -7.73
CA ASN A 325 14.14 8.19 -7.02
C ASN A 325 12.75 7.61 -7.30
N HIS A 326 11.76 8.48 -7.38
CA HIS A 326 10.45 7.97 -7.69
C HIS A 326 10.38 7.42 -9.11
N ILE A 327 10.96 8.11 -10.09
CA ILE A 327 11.03 7.52 -11.43
C ILE A 327 11.72 6.15 -11.39
N ALA A 328 12.86 6.02 -10.67
CA ALA A 328 13.53 4.72 -10.53
C ALA A 328 12.59 3.67 -9.91
N THR A 329 11.84 4.07 -8.89
CA THR A 329 10.90 3.14 -8.22
C THR A 329 9.78 2.69 -9.16
N VAL A 330 9.20 3.65 -9.90
CA VAL A 330 8.09 3.25 -10.75
C VAL A 330 8.56 2.33 -11.88
N LEU A 331 9.75 2.59 -12.39
CA LEU A 331 10.33 1.70 -13.38
C LEU A 331 10.61 0.30 -12.80
N GLN A 332 11.10 0.27 -11.56
CA GLN A 332 11.34 -1.00 -10.85
C GLN A 332 10.00 -1.73 -10.68
N GLY A 333 8.96 -1.00 -10.32
CA GLY A 333 7.60 -1.57 -10.11
C GLY A 333 7.06 -2.18 -11.38
N GLN A 334 7.25 -1.46 -12.48
CA GLN A 334 6.75 -1.94 -13.75
C GLN A 334 7.51 -3.19 -14.16
N SER A 335 8.84 -3.16 -13.99
CA SER A 335 9.69 -4.26 -14.44
CA SER A 335 9.70 -4.26 -14.44
C SER A 335 9.41 -5.58 -13.71
N THR A 336 8.86 -5.46 -12.50
CA THR A 336 8.62 -6.65 -11.67
C THR A 336 7.13 -6.82 -11.37
N ALA A 337 6.31 -6.10 -12.13
CA ALA A 337 4.87 -6.28 -12.11
C ALA A 337 4.29 -6.07 -10.70
N MET A 338 4.74 -4.99 -10.04
CA MET A 338 4.33 -4.65 -8.68
CA MET A 338 4.29 -4.73 -8.66
C MET A 338 2.93 -4.03 -8.60
N ALA A 339 1.98 -4.53 -9.39
CA ALA A 339 0.67 -3.92 -9.42
C ALA A 339 -0.07 -4.23 -8.13
N ALA A 340 -0.81 -3.24 -7.65
CA ALA A 340 -1.65 -3.44 -6.50
C ALA A 340 -2.89 -4.21 -6.90
N THR A 341 -3.34 -5.06 -6.01
CA THR A 341 -4.61 -5.74 -6.21
C THR A 341 -5.53 -5.56 -5.00
N GLY A 342 -6.83 -5.68 -5.23
CA GLY A 342 -7.76 -5.56 -4.12
C GLY A 342 -7.89 -4.14 -3.61
N ASP A 343 -8.30 -4.03 -2.36
CA ASP A 343 -8.45 -2.73 -1.71
C ASP A 343 -7.11 -2.21 -1.19
N VAL A 344 -7.07 -0.94 -0.84
CA VAL A 344 -5.93 -0.36 -0.13
C VAL A 344 -5.65 -1.20 1.11
N ALA A 345 -4.43 -1.70 1.16
CA ALA A 345 -3.97 -2.49 2.30
C ALA A 345 -3.30 -1.58 3.34
N LEU A 346 -4.00 -1.41 4.47
CA LEU A 346 -3.53 -0.49 5.50
C LEU A 346 -2.37 -1.02 6.28
N HIS B 6 -2.86 2.96 21.84
CA HIS B 6 -3.34 2.62 20.47
C HIS B 6 -4.22 3.70 19.84
N HIS B 7 -3.86 4.11 18.64
CA HIS B 7 -4.63 5.11 17.91
C HIS B 7 -5.58 4.58 16.86
N HIS B 8 -5.47 3.29 16.56
CA HIS B 8 -6.36 2.71 15.59
C HIS B 8 -7.48 1.95 16.26
N HIS B 9 -8.67 2.12 15.71
CA HIS B 9 -9.88 1.56 16.29
C HIS B 9 -10.66 0.81 15.21
N HIS B 10 -11.63 0.02 15.67
CA HIS B 10 -12.43 -0.79 14.78
C HIS B 10 -13.87 -0.78 15.29
N HIS B 11 -14.52 0.30 15.00
CA HIS B 11 -15.94 0.40 15.09
C HIS B 11 -16.51 0.34 13.72
N MET B 12 -15.97 -0.59 12.97
CA MET B 12 -16.43 -0.82 11.62
C MET B 12 -17.31 -1.95 11.72
N GLN B 13 -17.34 -2.43 12.92
CA GLN B 13 -18.16 -3.45 13.33
C GLN B 13 -19.58 -3.14 13.02
N THR B 14 -19.90 -1.90 12.67
CA THR B 14 -21.29 -1.68 12.28
C THR B 14 -21.59 -2.36 10.94
N PHE B 15 -20.60 -2.36 10.03
CA PHE B 15 -20.70 -2.95 8.68
C PHE B 15 -20.98 -4.47 8.65
N LEU B 16 -21.05 -5.09 9.83
CA LEU B 16 -21.19 -6.54 9.92
C LEU B 16 -22.64 -7.02 9.99
N LYS B 17 -23.49 -6.24 10.65
CA LYS B 17 -24.89 -6.63 10.90
C LYS B 17 -25.59 -6.96 9.60
N GLY B 18 -26.19 -8.15 9.56
CA GLY B 18 -26.97 -8.60 8.41
C GLY B 18 -26.15 -9.14 7.27
N LYS B 19 -24.83 -9.08 7.39
CA LYS B 19 -23.97 -9.64 6.36
C LYS B 19 -23.88 -11.14 6.55
N ARG B 20 -23.62 -11.86 5.45
CA ARG B 20 -23.55 -13.32 5.44
C ARG B 20 -22.12 -13.77 5.11
N VAL B 21 -21.54 -14.58 6.00
CA VAL B 21 -20.19 -15.11 5.75
CA VAL B 21 -20.20 -15.11 5.77
C VAL B 21 -20.26 -16.61 5.53
N GLY B 22 -19.67 -17.06 4.42
CA GLY B 22 -19.54 -18.46 4.11
C GLY B 22 -18.13 -18.89 4.43
N TYR B 23 -17.97 -20.11 4.91
CA TYR B 23 -16.61 -20.60 5.08
C TYR B 23 -16.43 -22.01 4.59
N TRP B 24 -15.24 -22.32 4.12
CA TRP B 24 -14.85 -23.69 3.88
C TRP B 24 -13.48 -23.94 4.49
N LEU B 25 -13.44 -24.88 5.44
CA LEU B 25 -12.20 -25.28 6.09
C LEU B 25 -12.28 -26.77 6.30
N SER B 26 -11.12 -27.42 6.34
CA SER B 26 -11.09 -28.86 6.61
C SER B 26 -11.58 -29.06 8.05
N GLU B 27 -12.09 -30.26 8.33
CA GLU B 27 -12.46 -30.58 9.70
C GLU B 27 -11.27 -30.41 10.63
N LYS B 28 -10.10 -30.84 10.19
CA LYS B 28 -8.84 -30.64 10.94
C LYS B 28 -8.65 -29.18 11.33
N LYS B 29 -8.76 -28.29 10.34
CA LYS B 29 -8.57 -26.89 10.59
C LYS B 29 -9.67 -26.24 11.45
N ILE B 30 -10.92 -26.63 11.24
CA ILE B 30 -12.00 -26.18 12.11
C ILE B 30 -11.66 -26.48 13.58
N LYS B 31 -11.16 -27.68 13.84
CA LYS B 31 -10.83 -28.07 15.21
C LYS B 31 -9.69 -27.23 15.77
N LYS B 32 -8.63 -27.11 14.99
CA LYS B 32 -7.42 -26.41 15.42
C LYS B 32 -7.69 -24.94 15.72
N LEU B 33 -8.46 -24.29 14.84
CA LEU B 33 -8.89 -22.91 15.04
C LEU B 33 -10.04 -22.72 16.03
N ASN B 34 -10.65 -23.79 16.52
CA ASN B 34 -11.88 -23.66 17.31
C ASN B 34 -12.89 -22.80 16.55
N PHE B 35 -13.04 -23.12 15.27
CA PHE B 35 -13.73 -22.22 14.34
C PHE B 35 -15.23 -22.13 14.59
N GLN B 36 -15.80 -23.17 15.20
CA GLN B 36 -17.18 -23.11 15.67
C GLN B 36 -17.42 -21.87 16.54
N ALA B 37 -16.43 -21.51 17.37
CA ALA B 37 -16.56 -20.34 18.24
C ALA B 37 -16.47 -19.04 17.46
N PHE B 38 -15.69 -19.06 16.37
CA PHE B 38 -15.68 -17.92 15.48
C PHE B 38 -17.06 -17.75 14.84
N ALA B 39 -17.65 -18.86 14.37
CA ALA B 39 -18.97 -18.72 13.77
C ALA B 39 -19.93 -18.10 14.77
N GLU B 40 -19.83 -18.55 16.01
CA GLU B 40 -20.66 -18.02 17.09
C GLU B 40 -20.45 -16.51 17.30
N LEU B 41 -19.19 -16.10 17.27
CA LEU B 41 -18.86 -14.68 17.41
C LEU B 41 -19.49 -13.82 16.32
N CYS B 42 -19.44 -14.33 15.08
CA CYS B 42 -20.09 -13.64 13.98
C CYS B 42 -21.61 -13.54 14.18
N ARG B 43 -22.23 -14.64 14.60
CA ARG B 43 -23.67 -14.63 14.86
C ARG B 43 -24.02 -13.60 15.93
N LYS B 44 -23.19 -13.54 16.97
CA LYS B 44 -23.31 -12.54 18.03
C LYS B 44 -23.23 -11.11 17.48
N ARG B 45 -22.48 -10.90 16.41
CA ARG B 45 -22.36 -9.58 15.81
C ARG B 45 -23.46 -9.27 14.77
N GLY B 46 -24.45 -10.15 14.65
CA GLY B 46 -25.53 -9.92 13.69
C GLY B 46 -25.27 -10.47 12.29
N MET B 47 -24.21 -11.26 12.13
CA MET B 47 -23.98 -11.95 10.88
C MET B 47 -24.69 -13.28 10.77
N GLU B 48 -24.99 -13.66 9.55
CA GLU B 48 -25.36 -15.03 9.24
C GLU B 48 -24.11 -15.77 8.79
N VAL B 49 -24.01 -17.03 9.17
CA VAL B 49 -22.84 -17.84 8.84
C VAL B 49 -23.30 -19.09 8.08
N VAL B 50 -22.55 -19.45 7.05
CA VAL B 50 -22.83 -20.73 6.40
C VAL B 50 -21.54 -21.49 6.20
N GLN B 51 -21.55 -22.75 6.63
CA GLN B 51 -20.48 -23.68 6.33
C GLN B 51 -20.73 -24.21 4.96
N LEU B 52 -19.82 -23.93 4.04
CA LEU B 52 -20.07 -24.27 2.66
C LEU B 52 -19.86 -25.75 2.40
N ASN B 53 -20.83 -26.33 1.69
CA ASN B 53 -20.69 -27.65 1.13
C ASN B 53 -20.33 -27.49 -0.33
N LEU B 54 -19.09 -27.81 -0.68
CA LEU B 54 -18.61 -27.56 -2.03
C LEU B 54 -18.97 -28.64 -3.05
N SER B 55 -19.57 -29.73 -2.59
CA SER B 55 -20.04 -30.82 -3.46
C SER B 55 -21.52 -30.62 -3.83
N ARG B 56 -22.07 -29.50 -3.36
CA ARG B 56 -23.46 -29.09 -3.59
C ARG B 56 -23.46 -27.74 -4.33
N PRO B 57 -24.50 -27.47 -5.14
CA PRO B 57 -24.58 -26.13 -5.74
C PRO B 57 -24.44 -25.03 -4.68
N ILE B 58 -23.59 -24.05 -4.96
CA ILE B 58 -23.30 -23.00 -3.99
C ILE B 58 -24.32 -21.85 -3.99
N GLU B 59 -24.92 -21.57 -5.15
CA GLU B 59 -25.88 -20.45 -5.28
C GLU B 59 -26.98 -20.53 -4.23
N GLU B 60 -27.48 -21.76 -4.03
CA GLU B 60 -28.54 -22.04 -3.05
C GLU B 60 -28.06 -21.88 -1.60
N GLN B 61 -26.75 -21.88 -1.40
CA GLN B 61 -26.16 -21.68 -0.06
C GLN B 61 -25.92 -20.20 0.22
N GLY B 62 -25.91 -19.41 -0.86
CA GLY B 62 -25.77 -17.97 -0.75
C GLY B 62 -27.09 -17.29 -0.44
N PRO B 63 -27.15 -15.96 -0.59
CA PRO B 63 -26.03 -15.12 -0.99
C PRO B 63 -24.98 -15.01 0.11
N LEU B 64 -23.79 -14.59 -0.28
CA LEU B 64 -22.64 -14.54 0.60
C LEU B 64 -21.95 -13.23 0.36
N ASP B 65 -21.73 -12.48 1.44
CA ASP B 65 -20.98 -11.24 1.31
C ASP B 65 -19.49 -11.45 1.40
N VAL B 66 -19.09 -12.50 2.12
CA VAL B 66 -17.68 -12.81 2.36
C VAL B 66 -17.56 -14.31 2.38
N ILE B 67 -16.47 -14.82 1.83
CA ILE B 67 -16.15 -16.23 1.97
C ILE B 67 -14.77 -16.31 2.58
N ILE B 68 -14.66 -17.10 3.65
CA ILE B 68 -13.39 -17.41 4.24
C ILE B 68 -13.10 -18.86 3.92
N HIS B 69 -11.90 -19.17 3.43
CA HIS B 69 -11.59 -20.56 3.16
C HIS B 69 -10.11 -20.90 3.33
N LYS B 70 -9.81 -22.19 3.43
CA LYS B 70 -8.48 -22.65 3.10
C LYS B 70 -8.59 -23.86 2.19
N LEU B 71 -8.78 -23.56 0.92
CA LEU B 71 -8.91 -24.55 -0.12
C LEU B 71 -7.56 -25.03 -0.62
N THR B 72 -6.48 -24.47 -0.07
CA THR B 72 -5.10 -24.83 -0.46
C THR B 72 -4.96 -26.29 -0.81
N ASP B 73 -5.40 -27.19 0.07
CA ASP B 73 -5.14 -28.60 -0.20
C ASP B 73 -6.01 -29.22 -1.30
N VAL B 74 -7.21 -28.70 -1.44
CA VAL B 74 -8.11 -29.14 -2.52
C VAL B 74 -7.54 -28.66 -3.83
N ILE B 75 -7.04 -27.43 -3.84
CA ILE B 75 -6.45 -26.86 -5.03
C ILE B 75 -5.24 -27.72 -5.46
N LEU B 76 -4.45 -28.10 -4.48
CA LEU B 76 -3.24 -28.87 -4.75
C LEU B 76 -3.61 -30.21 -5.34
N GLU B 77 -4.64 -30.84 -4.76
CA GLU B 77 -5.13 -32.11 -5.30
C GLU B 77 -5.68 -31.99 -6.70
N ALA B 78 -6.39 -30.88 -6.97
CA ALA B 78 -6.87 -30.58 -8.31
C ALA B 78 -5.72 -30.43 -9.32
N ASP B 79 -4.66 -29.74 -8.89
CA ASP B 79 -3.41 -29.64 -9.67
C ASP B 79 -2.85 -31.01 -10.03
N GLN B 80 -3.13 -31.99 -9.19
CA GLN B 80 -2.68 -33.36 -9.41
C GLN B 80 -3.73 -34.16 -10.18
N ASN B 81 -4.70 -33.46 -10.75
CA ASN B 81 -5.79 -34.03 -11.55
C ASN B 81 -6.83 -34.94 -10.84
N ASP B 82 -6.91 -34.83 -9.52
CA ASP B 82 -7.95 -35.50 -8.75
C ASP B 82 -9.27 -34.92 -9.23
N SER B 83 -10.13 -35.81 -9.74
CA SER B 83 -11.37 -35.39 -10.40
C SER B 83 -12.36 -34.73 -9.44
N GLN B 84 -12.49 -35.30 -8.24
CA GLN B 84 -13.33 -34.76 -7.15
C GLN B 84 -12.92 -33.31 -6.87
N SER B 85 -11.65 -33.15 -6.56
CA SER B 85 -11.07 -31.83 -6.31
C SER B 85 -11.19 -30.83 -7.46
N LEU B 86 -10.90 -31.27 -8.69
CA LEU B 86 -11.09 -30.38 -9.84
C LEU B 86 -12.52 -29.87 -9.89
N GLU B 87 -13.47 -30.77 -9.65
CA GLU B 87 -14.90 -30.47 -9.64
C GLU B 87 -15.20 -29.41 -8.57
N LEU B 88 -14.77 -29.68 -7.32
CA LEU B 88 -14.95 -28.75 -6.18
C LEU B 88 -14.43 -27.33 -6.47
N VAL B 89 -13.21 -27.28 -7.02
CA VAL B 89 -12.58 -26.02 -7.37
C VAL B 89 -13.31 -25.35 -8.52
N HIS B 90 -13.70 -26.10 -9.55
CA HIS B 90 -14.39 -25.48 -10.67
C HIS B 90 -15.69 -24.79 -10.21
N ARG B 91 -16.43 -25.50 -9.35
CA ARG B 91 -17.73 -25.03 -8.86
C ARG B 91 -17.52 -23.79 -8.01
N PHE B 92 -16.48 -23.81 -7.19
CA PHE B 92 -16.17 -22.67 -6.37
C PHE B 92 -15.80 -21.48 -7.27
N GLN B 93 -14.91 -21.72 -8.22
CA GLN B 93 -14.50 -20.66 -9.16
C GLN B 93 -15.67 -20.05 -9.91
N GLU B 94 -16.57 -20.92 -10.39
CA GLU B 94 -17.70 -20.51 -11.17
C GLU B 94 -18.60 -19.60 -10.35
N TYR B 95 -18.76 -19.94 -9.07
CA TYR B 95 -19.55 -19.13 -8.15
C TYR B 95 -18.97 -17.74 -7.92
N ILE B 96 -17.69 -17.68 -7.55
CA ILE B 96 -17.10 -16.39 -7.23
C ILE B 96 -17.02 -15.48 -8.48
N ASP B 97 -16.81 -16.09 -9.63
CA ASP B 97 -16.83 -15.36 -10.92
C ASP B 97 -18.20 -14.74 -11.20
N ALA B 98 -19.25 -15.51 -10.95
CA ALA B 98 -20.62 -15.06 -11.07
C ALA B 98 -21.03 -14.03 -10.00
N HIS B 99 -20.21 -13.89 -8.95
CA HIS B 99 -20.54 -13.02 -7.81
C HIS B 99 -19.33 -12.19 -7.39
N PRO B 100 -18.93 -11.25 -8.25
CA PRO B 100 -17.74 -10.45 -7.98
C PRO B 100 -17.91 -9.60 -6.73
N GLU B 101 -19.14 -9.47 -6.24
CA GLU B 101 -19.43 -8.69 -5.03
C GLU B 101 -19.03 -9.46 -3.76
N THR B 102 -18.91 -10.78 -3.89
CA THR B 102 -18.56 -11.61 -2.75
C THR B 102 -17.05 -11.47 -2.52
N ILE B 103 -16.69 -11.06 -1.30
CA ILE B 103 -15.29 -10.87 -0.97
C ILE B 103 -14.68 -12.22 -0.58
N VAL B 104 -13.54 -12.60 -1.18
CA VAL B 104 -12.96 -13.93 -0.94
C VAL B 104 -11.68 -13.78 -0.15
N LEU B 105 -11.65 -14.42 1.02
CA LEU B 105 -10.50 -14.42 1.88
C LEU B 105 -9.92 -15.84 1.87
N ASP B 106 -8.96 -16.14 1.00
CA ASP B 106 -8.34 -15.17 0.11
C ASP B 106 -8.43 -15.60 -1.35
N PRO B 107 -8.15 -14.66 -2.27
CA PRO B 107 -8.31 -14.96 -3.71
C PRO B 107 -7.49 -16.17 -4.17
N LEU B 108 -8.09 -16.98 -5.02
CA LEU B 108 -7.41 -18.19 -5.49
C LEU B 108 -6.09 -17.94 -6.21
N PRO B 109 -5.97 -16.86 -7.01
CA PRO B 109 -4.62 -16.70 -7.63
C PRO B 109 -3.52 -16.52 -6.60
N ALA B 110 -3.79 -15.82 -5.49
CA ALA B 110 -2.80 -15.66 -4.42
C ALA B 110 -2.45 -17.00 -3.78
N ILE B 111 -3.48 -17.80 -3.52
CA ILE B 111 -3.37 -19.12 -2.97
C ILE B 111 -2.51 -20.05 -3.87
N ARG B 112 -2.73 -19.97 -5.17
CA ARG B 112 -1.89 -20.73 -6.12
C ARG B 112 -0.43 -20.26 -6.05
N THR B 113 -0.21 -18.94 -6.01
CA THR B 113 1.16 -18.45 -5.81
C THR B 113 1.79 -19.04 -4.56
N LEU B 114 1.06 -18.98 -3.47
CA LEU B 114 1.62 -19.42 -2.19
C LEU B 114 1.81 -20.95 -2.13
N LEU B 115 1.19 -21.68 -3.06
CA LEU B 115 1.39 -23.12 -3.17
C LEU B 115 2.73 -23.51 -3.80
N ASP B 116 3.47 -22.52 -4.27
CA ASP B 116 4.64 -22.76 -5.08
C ASP B 116 5.77 -21.94 -4.47
N ARG B 117 6.73 -22.64 -3.87
CA ARG B 117 7.84 -21.95 -3.20
C ARG B 117 8.67 -21.12 -4.16
N SER B 118 8.80 -21.59 -5.40
CA SER B 118 9.64 -20.84 -6.35
C SER B 118 8.95 -19.50 -6.67
N LYS B 119 7.66 -19.56 -6.95
CA LYS B 119 6.91 -18.33 -7.26
C LYS B 119 6.80 -17.44 -6.05
N SER B 120 6.65 -18.04 -4.87
CA SER B 120 6.60 -17.22 -3.63
C SER B 120 7.90 -16.54 -3.30
N TYR B 121 8.98 -17.30 -3.37
CA TYR B 121 10.29 -16.74 -3.05
C TYR B 121 10.66 -15.66 -4.08
N GLU B 122 10.25 -15.85 -5.33
CA GLU B 122 10.51 -14.85 -6.35
C GLU B 122 9.70 -13.57 -6.08
N LEU B 123 8.46 -13.71 -5.63
CA LEU B 123 7.66 -12.51 -5.30
C LEU B 123 8.33 -11.76 -4.15
N ILE B 124 8.73 -12.49 -3.13
CA ILE B 124 9.42 -11.83 -2.00
C ILE B 124 10.68 -11.13 -2.48
N ARG B 125 11.42 -11.78 -3.38
CA ARG B 125 12.62 -11.20 -3.90
C ARG B 125 12.30 -9.87 -4.61
N LYS B 126 11.25 -9.89 -5.42
CA LYS B 126 10.85 -8.73 -6.18
C LYS B 126 10.31 -7.63 -5.26
N ILE B 127 9.52 -7.99 -4.26
CA ILE B 127 9.08 -6.99 -3.27
C ILE B 127 10.29 -6.39 -2.59
N GLU B 128 11.24 -7.23 -2.21
CA GLU B 128 12.45 -6.69 -1.57
C GLU B 128 13.25 -5.73 -2.45
N ALA B 129 13.34 -6.03 -3.73
CA ALA B 129 14.09 -5.15 -4.66
C ALA B 129 13.36 -3.82 -4.83
N TYR B 130 12.04 -3.87 -4.75
CA TYR B 130 11.22 -2.67 -4.86
C TYR B 130 11.36 -1.78 -3.63
N MET B 131 11.42 -2.41 -2.44
CA MET B 131 11.64 -1.66 -1.17
C MET B 131 13.09 -1.17 -0.98
N GLU B 132 14.02 -1.93 -1.53
CA GLU B 132 15.47 -1.68 -1.35
C GLU B 132 15.79 -1.17 0.06
N ASP B 133 15.46 -2.01 1.04
CA ASP B 133 15.61 -1.73 2.47
C ASP B 133 16.80 -2.54 2.96
N ASP B 134 17.80 -1.81 3.46
CA ASP B 134 19.04 -2.46 3.90
C ASP B 134 18.92 -3.36 5.14
N ARG B 135 17.74 -3.38 5.74
CA ARG B 135 17.49 -4.32 6.84
C ARG B 135 17.03 -5.71 6.39
N ILE B 136 16.88 -5.88 5.07
CA ILE B 136 16.23 -7.10 4.57
C ILE B 136 17.16 -7.77 3.58
N CYS B 137 17.25 -9.09 3.65
CA CYS B 137 18.02 -9.80 2.65
C CYS B 137 17.18 -10.93 2.03
N SER B 138 17.34 -11.14 0.74
CA SER B 138 16.65 -12.24 0.06
C SER B 138 17.73 -13.32 -0.08
N PRO B 139 17.65 -14.41 0.73
CA PRO B 139 18.63 -15.47 0.55
C PRO B 139 18.55 -15.90 -0.88
N PRO B 140 19.70 -16.02 -1.55
CA PRO B 140 19.68 -16.59 -2.89
C PRO B 140 18.92 -17.90 -2.94
N PHE B 141 18.16 -18.12 -4.00
CA PHE B 141 17.49 -19.39 -4.18
C PHE B 141 17.41 -19.66 -5.66
N MET B 142 17.09 -20.91 -5.98
CA MET B 142 16.71 -21.24 -7.34
C MET B 142 15.87 -22.50 -7.37
N GLU B 143 15.13 -22.66 -8.46
CA GLU B 143 14.41 -23.87 -8.68
C GLU B 143 15.33 -24.80 -9.48
N LEU B 144 15.45 -26.05 -9.04
CA LEU B 144 16.09 -27.09 -9.83
C LEU B 144 15.01 -28.01 -10.42
N THR B 145 15.06 -28.15 -11.76
CA THR B 145 14.05 -28.90 -12.49
C THR B 145 14.65 -30.22 -12.99
N SER B 146 15.93 -30.41 -12.72
CA SER B 146 16.62 -31.62 -13.14
C SER B 146 17.32 -32.27 -11.95
N LEU B 147 17.77 -33.49 -12.16
CA LEU B 147 18.72 -34.13 -11.27
C LEU B 147 20.09 -33.45 -11.46
N THR B 152 23.46 -29.21 -11.55
CA THR B 152 24.68 -28.58 -12.06
C THR B 152 25.18 -27.45 -11.14
N MET B 153 26.46 -27.52 -10.82
CA MET B 153 27.16 -26.54 -9.98
C MET B 153 27.24 -25.16 -10.62
N ARG B 154 27.52 -25.13 -11.93
CA ARG B 154 27.57 -23.88 -12.68
C ARG B 154 26.28 -23.10 -12.45
N LEU B 155 25.15 -23.80 -12.58
CA LEU B 155 23.84 -23.23 -12.38
C LEU B 155 23.72 -22.63 -10.97
N LEU B 156 24.00 -23.43 -9.95
CA LEU B 156 23.93 -22.97 -8.57
C LEU B 156 24.77 -21.74 -8.38
N GLU B 157 26.04 -21.85 -8.76
CA GLU B 157 26.99 -20.74 -8.65
C GLU B 157 26.52 -19.47 -9.33
N LYS B 158 25.98 -19.59 -10.55
CA LYS B 158 25.52 -18.40 -11.27
C LYS B 158 24.26 -17.77 -10.69
N ASN B 159 23.53 -18.50 -9.85
CA ASN B 159 22.41 -17.91 -9.14
C ASN B 159 22.75 -17.48 -7.72
N GLY B 160 24.04 -17.53 -7.38
CA GLY B 160 24.51 -17.12 -6.06
C GLY B 160 24.31 -18.15 -4.95
N LEU B 161 23.94 -19.38 -5.29
CA LEU B 161 23.81 -20.43 -4.28
C LEU B 161 25.17 -20.84 -3.76
N THR B 162 25.31 -20.89 -2.44
CA THR B 162 26.54 -21.36 -1.83
C THR B 162 26.18 -22.44 -0.81
N PHE B 163 27.18 -23.21 -0.40
CA PHE B 163 26.96 -24.26 0.60
C PHE B 163 27.18 -23.64 1.95
N PRO B 164 26.42 -24.07 2.97
CA PRO B 164 25.30 -25.01 2.85
C PRO B 164 24.03 -24.35 2.37
N PHE B 165 23.18 -25.16 1.77
CA PHE B 165 21.87 -24.66 1.44
C PHE B 165 20.80 -25.65 1.87
N ILE B 166 19.57 -25.18 1.86
CA ILE B 166 18.48 -26.05 2.22
CA ILE B 166 18.44 -26.05 2.21
C ILE B 166 17.69 -26.35 0.96
N CYS B 167 17.36 -27.63 0.76
CA CYS B 167 16.57 -28.09 -0.37
C CYS B 167 15.15 -28.34 0.12
N LYS B 168 14.17 -27.77 -0.59
CA LYS B 168 12.78 -27.87 -0.21
C LYS B 168 12.01 -28.26 -1.46
N THR B 169 10.88 -28.94 -1.30
CA THR B 169 10.04 -29.20 -2.46
C THR B 169 9.53 -27.89 -3.04
N ARG B 170 9.29 -27.87 -4.35
CA ARG B 170 8.69 -26.68 -4.92
C ARG B 170 7.29 -26.47 -4.36
N VAL B 171 6.52 -27.55 -4.25
CA VAL B 171 5.16 -27.46 -3.73
CA VAL B 171 5.16 -27.47 -3.72
C VAL B 171 5.25 -27.12 -2.24
N ALA B 172 4.49 -26.10 -1.84
CA ALA B 172 4.71 -25.46 -0.53
C ALA B 172 3.86 -26.01 0.59
N HIS B 173 3.00 -26.96 0.26
CA HIS B 173 2.06 -27.50 1.24
C HIS B 173 1.77 -28.97 0.95
N GLY B 174 1.29 -29.69 1.97
CA GLY B 174 1.03 -31.13 1.85
C GLY B 174 2.23 -31.98 2.26
N ASN B 176 4.55 -34.25 1.99
CA ASN B 176 5.83 -34.25 1.26
C ASN B 176 6.56 -32.91 1.35
N SER B 177 5.77 -31.85 1.48
CA SER B 177 6.31 -30.50 1.37
C SER B 177 7.17 -30.11 2.57
N HIS B 178 7.16 -30.94 3.61
CA HIS B 178 7.90 -30.60 4.81
C HIS B 178 9.21 -31.38 4.95
N GLU B 179 9.45 -32.29 4.02
CA GLU B 179 10.70 -33.05 3.98
C GLU B 179 11.76 -32.18 3.28
N MET B 180 12.79 -31.85 4.04
CA MET B 180 13.85 -30.96 3.55
C MET B 180 15.22 -31.53 3.78
N ALA B 181 16.23 -30.87 3.24
CA ALA B 181 17.59 -31.36 3.43
C ALA B 181 18.52 -30.18 3.56
N ILE B 182 19.47 -30.29 4.48
CA ILE B 182 20.62 -29.37 4.52
C ILE B 182 21.75 -30.05 3.79
N VAL B 183 22.29 -29.36 2.81
CA VAL B 183 23.24 -29.94 1.86
C VAL B 183 24.53 -29.16 1.92
N PHE B 184 25.63 -29.90 2.02
CA PHE B 184 26.93 -29.29 2.32
C PHE B 184 27.89 -29.36 1.14
N ASN B 185 27.55 -30.16 0.13
CA ASN B 185 28.47 -30.39 -0.99
C ASN B 185 27.66 -30.90 -2.16
N GLN B 186 28.24 -30.88 -3.35
CA GLN B 186 27.47 -31.25 -4.56
C GLN B 186 26.97 -32.71 -4.57
N GLU B 187 27.80 -33.64 -4.09
CA GLU B 187 27.41 -35.04 -3.95
CA GLU B 187 27.37 -35.03 -4.00
C GLU B 187 26.14 -35.19 -3.10
N GLY B 188 25.98 -34.27 -2.14
CA GLY B 188 24.84 -34.30 -1.22
C GLY B 188 23.47 -33.99 -1.82
N LEU B 189 23.50 -33.55 -3.08
CA LEU B 189 22.32 -33.30 -3.89
C LEU B 189 21.81 -34.51 -4.68
N ASN B 190 22.61 -35.58 -4.71
CA ASN B 190 22.39 -36.63 -5.70
C ASN B 190 21.06 -37.37 -5.55
N ALA B 191 20.44 -37.33 -4.36
CA ALA B 191 19.13 -37.99 -4.18
C ALA B 191 17.99 -36.97 -4.10
N ILE B 192 18.31 -35.71 -4.33
CA ILE B 192 17.32 -34.63 -4.28
C ILE B 192 16.55 -34.59 -5.60
N GLN B 193 15.25 -34.75 -5.49
CA GLN B 193 14.43 -34.95 -6.67
C GLN B 193 13.85 -33.59 -7.05
N PRO B 194 13.80 -33.31 -8.35
CA PRO B 194 13.08 -32.14 -8.82
C PRO B 194 11.55 -32.37 -8.74
N PRO B 195 10.74 -31.28 -8.78
CA PRO B 195 11.19 -29.89 -8.72
C PRO B 195 11.49 -29.48 -7.30
N CYS B 196 12.63 -28.85 -7.11
CA CYS B 196 12.94 -28.42 -5.77
CA CYS B 196 13.16 -28.50 -5.80
C CYS B 196 13.46 -27.00 -5.79
N VAL B 197 13.34 -26.37 -4.66
CA VAL B 197 13.87 -25.02 -4.51
C VAL B 197 15.03 -25.16 -3.57
N VAL B 198 16.17 -24.63 -3.98
CA VAL B 198 17.35 -24.63 -3.11
C VAL B 198 17.57 -23.21 -2.64
N GLN B 199 17.87 -23.08 -1.37
CA GLN B 199 17.95 -21.73 -0.78
C GLN B 199 19.11 -21.66 0.16
N ASN B 200 19.91 -20.60 0.05
CA ASN B 200 21.06 -20.50 0.96
C ASN B 200 20.66 -20.62 2.42
N PHE B 201 21.40 -21.43 3.15
CA PHE B 201 21.21 -21.53 4.59
C PHE B 201 21.76 -20.29 5.28
N ILE B 202 20.92 -19.67 6.08
CA ILE B 202 21.34 -18.49 6.82
C ILE B 202 21.45 -18.86 8.28
N ASN B 203 22.63 -18.68 8.87
CA ASN B 203 22.80 -18.86 10.31
C ASN B 203 21.97 -17.78 11.01
N HIS B 204 21.15 -18.20 11.97
CA HIS B 204 20.20 -17.28 12.57
C HIS B 204 19.98 -17.59 14.03
N ASN B 205 20.97 -18.22 14.64
CA ASN B 205 20.95 -18.51 16.08
C ASN B 205 19.72 -19.29 16.57
N ALA B 206 19.21 -20.13 15.67
CA ALA B 206 18.19 -21.15 16.01
C ALA B 206 16.90 -20.54 16.56
N VAL B 207 16.57 -19.33 16.10
CA VAL B 207 15.32 -18.69 16.49
C VAL B 207 14.54 -18.27 15.27
N LEU B 208 13.31 -18.76 15.16
CA LEU B 208 12.40 -18.40 14.05
C LEU B 208 11.35 -17.45 14.57
N TYR B 209 11.07 -16.39 13.81
CA TYR B 209 10.01 -15.46 14.17
C TYR B 209 8.89 -15.66 13.20
N LYS B 210 7.83 -16.30 13.66
CA LYS B 210 6.68 -16.48 12.81
C LYS B 210 5.80 -15.28 12.91
N VAL B 211 5.58 -14.63 11.77
CA VAL B 211 4.71 -13.49 11.70
C VAL B 211 3.39 -14.01 11.19
N PHE B 212 2.40 -13.93 12.04
CA PHE B 212 1.09 -14.44 11.71
C PHE B 212 0.23 -13.21 11.36
N VAL B 213 -0.10 -13.09 10.09
CA VAL B 213 -0.83 -11.91 9.64
C VAL B 213 -2.32 -12.18 9.49
N VAL B 214 -3.11 -11.25 10.01
CA VAL B 214 -4.56 -11.32 9.85
C VAL B 214 -4.94 -9.92 9.37
N GLY B 215 -4.91 -9.73 8.06
CA GLY B 215 -5.15 -8.43 7.47
C GLY B 215 -4.27 -7.37 8.07
N GLU B 216 -4.90 -6.39 8.68
CA GLU B 216 -4.26 -5.19 9.16
C GLU B 216 -3.43 -5.35 10.43
N SER B 217 -3.45 -6.54 11.03
CA SER B 217 -2.81 -6.81 12.30
CA SER B 217 -2.71 -6.75 12.25
C SER B 217 -1.89 -8.01 12.18
N TYR B 218 -0.81 -8.05 12.98
CA TYR B 218 -0.05 -9.31 13.02
C TYR B 218 0.41 -9.61 14.43
N THR B 219 0.89 -10.84 14.62
CA THR B 219 1.43 -11.30 15.88
C THR B 219 2.70 -12.03 15.54
N VAL B 220 3.74 -11.73 16.33
CA VAL B 220 5.03 -12.39 16.18
C VAL B 220 5.11 -13.48 17.23
N VAL B 221 5.43 -14.68 16.75
CA VAL B 221 5.57 -15.84 17.62
C VAL B 221 6.94 -16.47 17.43
N GLN B 222 7.72 -16.50 18.49
CA GLN B 222 9.04 -17.15 18.45
C GLN B 222 8.92 -18.68 18.46
N ARG B 223 9.70 -19.33 17.61
CA ARG B 223 9.75 -20.79 17.53
C ARG B 223 11.18 -21.31 17.48
N PRO B 224 11.38 -22.60 17.82
CA PRO B 224 12.70 -23.20 17.61
C PRO B 224 12.98 -23.28 16.15
N SER B 225 14.25 -23.37 15.81
CA SER B 225 14.63 -23.33 14.43
C SER B 225 15.98 -24.02 14.31
N LEU B 226 16.38 -24.30 13.08
CA LEU B 226 17.67 -24.97 12.83
C LEU B 226 18.83 -24.20 13.45
N LYS B 227 19.75 -24.95 14.04
CA LYS B 227 21.01 -24.39 14.56
C LYS B 227 21.92 -23.79 13.48
N ASN B 228 22.97 -23.11 13.94
CA ASN B 228 23.99 -22.60 13.00
C ASN B 228 24.86 -23.74 12.45
N PHE B 229 25.36 -23.55 11.25
CA PHE B 229 26.35 -24.44 10.70
C PHE B 229 27.49 -23.59 10.17
N SER B 230 28.64 -24.24 10.01
CA SER B 230 29.78 -23.55 9.44
C SER B 230 29.43 -23.09 8.03
N ALA B 231 29.94 -21.95 7.63
CA ALA B 231 29.84 -21.48 6.25
C ALA B 231 30.68 -22.32 5.29
N GLY B 232 30.24 -22.36 4.03
CA GLY B 232 30.98 -22.98 2.95
C GLY B 232 30.73 -24.46 2.82
N THR B 233 31.35 -25.07 1.84
CA THR B 233 31.21 -26.50 1.61
C THR B 233 32.00 -27.29 2.65
N SER B 234 31.60 -28.52 2.90
CA SER B 234 32.38 -29.46 3.68
C SER B 234 32.00 -30.83 3.22
N ASP B 235 32.69 -31.87 3.68
CA ASP B 235 32.39 -33.19 3.16
C ASP B 235 31.25 -33.89 3.93
N ARG B 236 30.62 -33.13 4.83
CA ARG B 236 29.51 -33.62 5.64
C ARG B 236 28.38 -34.17 4.78
N GLU B 237 27.84 -35.30 5.22
CA GLU B 237 26.62 -35.83 4.63
C GLU B 237 25.44 -34.91 4.85
N SER B 238 24.54 -34.89 3.86
CA SER B 238 23.36 -34.04 3.97
C SER B 238 22.50 -34.49 5.16
N ILE B 239 21.85 -33.49 5.76
CA ILE B 239 20.94 -33.77 6.85
C ILE B 239 19.51 -33.70 6.31
N PHE B 240 18.85 -34.84 6.29
CA PHE B 240 17.43 -34.90 5.90
C PHE B 240 16.55 -34.73 7.13
N PHE B 241 15.64 -33.78 7.10
CA PHE B 241 14.78 -33.50 8.24
C PHE B 241 13.37 -33.15 7.82
N ASN B 242 12.44 -33.25 8.78
CA ASN B 242 11.07 -32.82 8.53
C ASN B 242 10.86 -31.52 9.27
N SER B 243 10.38 -30.49 8.56
CA SER B 243 10.26 -29.17 9.18
C SER B 243 9.35 -29.14 10.43
N HIS B 244 8.43 -30.09 10.52
CA HIS B 244 7.52 -30.10 11.67
C HIS B 244 8.07 -30.74 12.93
N ASN B 245 9.28 -31.29 12.81
CA ASN B 245 10.06 -31.69 13.99
C ASN B 245 10.96 -30.56 14.45
N VAL B 246 10.97 -29.49 13.67
CA VAL B 246 11.94 -28.42 13.86
C VAL B 246 11.34 -27.13 14.43
N SER B 247 10.21 -26.67 13.91
CA SER B 247 9.75 -25.31 14.29
C SER B 247 8.32 -25.25 14.80
N LYS B 248 7.89 -26.36 15.39
CA LYS B 248 6.62 -26.37 16.10
C LYS B 248 6.87 -25.90 17.53
N PRO B 249 5.81 -25.48 18.25
CA PRO B 249 6.09 -24.89 19.58
C PRO B 249 6.92 -25.83 20.47
N GLU B 250 6.58 -27.11 20.41
CA GLU B 250 7.14 -28.11 21.31
C GLU B 250 8.37 -28.83 20.71
N SER B 251 8.78 -28.45 19.50
CA SER B 251 9.92 -29.10 18.86
CA SER B 251 9.93 -29.07 18.85
C SER B 251 11.19 -28.96 19.70
N SER B 252 11.90 -30.08 19.81
CA SER B 252 13.10 -30.17 20.63
C SER B 252 14.05 -31.14 19.96
N SER B 253 14.30 -30.94 18.68
CA SER B 253 15.22 -31.81 17.97
C SER B 253 16.63 -31.31 18.29
N VAL B 254 17.61 -32.20 18.21
CA VAL B 254 19.02 -31.85 18.34
C VAL B 254 19.41 -30.82 17.25
N LEU B 255 18.67 -30.80 16.15
CA LEU B 255 18.98 -29.85 15.09
C LEU B 255 18.69 -28.42 15.48
N THR B 256 17.95 -28.25 16.58
CA THR B 256 17.51 -26.92 17.00
C THR B 256 18.33 -26.37 18.17
N GLU B 257 19.30 -27.16 18.61
CA GLU B 257 20.18 -26.80 19.75
C GLU B 257 21.50 -26.16 19.27
N LEU B 258 21.78 -24.92 19.69
CA LEU B 258 23.02 -24.24 19.27
C LEU B 258 24.31 -24.90 19.73
N ASP B 259 25.33 -24.94 18.87
CA ASP B 259 26.64 -25.49 19.21
C ASP B 259 27.50 -24.54 20.05
N LYS B 260 27.21 -23.26 19.87
CA LYS B 260 27.98 -22.14 20.41
C LYS B 260 27.12 -20.88 20.39
N ILE B 261 27.09 -20.18 21.52
CA ILE B 261 26.38 -18.91 21.62
C ILE B 261 27.28 -17.79 21.13
N GLU B 262 26.86 -17.17 20.04
CA GLU B 262 27.65 -16.11 19.42
C GLU B 262 26.77 -15.35 18.42
N GLY B 263 27.18 -14.13 18.07
CA GLY B 263 26.56 -13.42 16.95
C GLY B 263 25.36 -12.56 17.36
N VAL B 264 24.58 -12.15 16.37
CA VAL B 264 23.43 -11.24 16.54
C VAL B 264 22.19 -11.97 17.02
N PHE B 265 21.66 -11.50 18.14
CA PHE B 265 20.39 -12.00 18.69
C PHE B 265 19.46 -10.83 18.78
N GLU B 266 18.49 -10.78 17.86
CA GLU B 266 17.54 -9.67 17.89
C GLU B 266 16.19 -10.15 17.47
N ARG B 267 15.17 -9.41 17.90
CA ARG B 267 13.82 -9.64 17.41
C ARG B 267 13.66 -8.83 16.15
N PRO B 268 12.69 -9.20 15.31
CA PRO B 268 12.47 -8.49 14.03
C PRO B 268 11.97 -7.09 14.30
N SER B 269 12.34 -6.21 13.37
CA SER B 269 11.83 -4.81 13.37
C SER B 269 10.35 -4.78 12.97
N ASP B 270 9.54 -4.10 13.77
CA ASP B 270 8.14 -3.93 13.41
C ASP B 270 7.98 -3.07 12.15
N GLU B 271 8.86 -2.09 11.95
CA GLU B 271 8.88 -1.35 10.70
C GLU B 271 9.00 -2.27 9.51
N VAL B 272 9.94 -3.20 9.61
CA VAL B 272 10.18 -4.14 8.53
C VAL B 272 8.98 -5.06 8.36
N ILE B 273 8.43 -5.55 9.47
CA ILE B 273 7.28 -6.45 9.33
C ILE B 273 6.11 -5.68 8.68
N ARG B 274 5.86 -4.47 9.14
CA ARG B 274 4.70 -3.74 8.61
C ARG B 274 4.85 -3.53 7.13
N GLU B 275 6.06 -3.18 6.68
CA GLU B 275 6.19 -2.91 5.21
C GLU B 275 6.07 -4.20 4.41
N LEU B 276 6.65 -5.30 4.92
CA LEU B 276 6.47 -6.59 4.23
C LEU B 276 5.01 -7.03 4.22
N SER B 277 4.32 -6.86 5.35
CA SER B 277 2.93 -7.24 5.44
C SER B 277 2.08 -6.44 4.43
N ARG B 278 2.19 -5.11 4.47
CA ARG B 278 1.51 -4.28 3.48
C ARG B 278 1.83 -4.67 2.06
N ALA B 279 3.10 -4.89 1.74
CA ALA B 279 3.47 -5.17 0.32
C ALA B 279 2.90 -6.49 -0.13
N LEU B 280 2.98 -7.50 0.73
CA LEU B 280 2.42 -8.80 0.39
C LEU B 280 0.91 -8.74 0.27
N ARG B 281 0.26 -8.07 1.21
CA ARG B 281 -1.18 -7.95 1.12
C ARG B 281 -1.55 -7.17 -0.11
N GLN B 282 -0.83 -6.08 -0.39
CA GLN B 282 -1.22 -5.24 -1.52
C GLN B 282 -0.91 -5.84 -2.89
N ALA B 283 0.18 -6.58 -2.97
CA ALA B 283 0.60 -7.16 -4.27
C ALA B 283 -0.16 -8.43 -4.61
N LEU B 284 -0.41 -9.25 -3.58
CA LEU B 284 -1.07 -10.56 -3.73
C LEU B 284 -2.56 -10.55 -3.45
N GLY B 285 -3.02 -9.58 -2.65
CA GLY B 285 -4.44 -9.52 -2.30
C GLY B 285 -4.75 -10.54 -1.20
N VAL B 286 -3.71 -11.00 -0.51
CA VAL B 286 -3.87 -11.96 0.60
C VAL B 286 -4.13 -11.24 1.89
N SER B 287 -4.67 -11.94 2.88
CA SER B 287 -4.88 -11.31 4.16
C SER B 287 -4.62 -12.26 5.33
N LEU B 288 -4.75 -13.57 5.08
CA LEU B 288 -4.57 -14.57 6.13
C LEU B 288 -3.36 -15.40 5.76
N PHE B 289 -2.21 -15.02 6.29
CA PHE B 289 -0.99 -15.68 5.90
C PHE B 289 0.06 -15.49 6.97
N GLY B 290 1.10 -16.31 6.87
CA GLY B 290 2.23 -16.11 7.75
C GLY B 290 3.49 -15.91 6.95
N ILE B 291 4.39 -15.13 7.52
CA ILE B 291 5.74 -15.15 6.99
C ILE B 291 6.70 -15.54 8.09
N ASP B 292 7.68 -16.37 7.71
CA ASP B 292 8.70 -16.76 8.66
C ASP B 292 9.95 -15.93 8.45
N ILE B 293 10.31 -15.21 9.50
CA ILE B 293 11.49 -14.34 9.45
C ILE B 293 12.56 -14.89 10.36
N ILE B 294 13.78 -14.89 9.84
CA ILE B 294 14.94 -15.19 10.64
C ILE B 294 15.91 -14.03 10.56
N ILE B 295 16.74 -13.89 11.59
CA ILE B 295 17.66 -12.77 11.59
C ILE B 295 19.05 -13.33 11.38
N ASN B 296 19.69 -12.88 10.31
CA ASN B 296 21.05 -13.32 9.99
C ASN B 296 21.97 -13.01 11.15
N ASN B 297 22.64 -14.03 11.69
CA ASN B 297 23.36 -13.84 12.95
C ASN B 297 24.70 -13.10 12.82
N GLN B 298 25.04 -12.70 11.60
CA GLN B 298 26.24 -11.86 11.38
C GLN B 298 25.87 -10.45 11.02
N THR B 299 24.98 -10.30 10.02
CA THR B 299 24.56 -8.97 9.54
C THR B 299 23.42 -8.35 10.32
N GLY B 300 22.57 -9.18 10.92
CA GLY B 300 21.38 -8.65 11.59
C GLY B 300 20.21 -8.44 10.62
N GLN B 301 20.44 -8.72 9.33
CA GLN B 301 19.38 -8.48 8.36
C GLN B 301 18.25 -9.47 8.55
N HIS B 302 17.04 -9.06 8.17
CA HIS B 302 15.90 -9.95 8.15
C HIS B 302 15.87 -10.78 6.89
N ALA B 303 15.60 -12.07 7.04
CA ALA B 303 15.38 -12.91 5.86
C ALA B 303 14.03 -13.58 5.97
N VAL B 304 13.22 -13.50 4.91
CA VAL B 304 11.96 -14.24 4.86
C VAL B 304 12.24 -15.61 4.24
N ILE B 305 12.00 -16.68 4.98
CA ILE B 305 12.38 -18.02 4.46
C ILE B 305 11.19 -18.94 4.15
N ASP B 306 9.96 -18.45 4.35
CA ASP B 306 8.77 -19.29 4.20
C ASP B 306 7.60 -18.33 4.27
N ILE B 307 6.60 -18.58 3.44
CA ILE B 307 5.38 -17.81 3.45
C ILE B 307 4.25 -18.82 3.28
N ASN B 308 3.24 -18.70 4.13
CA ASN B 308 2.23 -19.72 4.22
C ASN B 308 0.85 -19.15 4.15
N ALA B 309 0.01 -19.77 3.33
CA ALA B 309 -1.41 -19.33 3.30
C ALA B 309 -2.12 -19.90 4.51
N PHE B 310 -2.90 -19.03 5.17
CA PHE B 310 -3.82 -19.40 6.25
C PHE B 310 -3.22 -20.48 7.18
N PRO B 311 -2.16 -20.10 7.91
CA PRO B 311 -1.49 -21.10 8.75
C PRO B 311 -2.29 -21.42 10.03
N GLY B 312 -1.63 -22.00 11.03
CA GLY B 312 -2.31 -22.49 12.23
C GLY B 312 -2.51 -21.47 13.32
N TYR B 313 -1.72 -20.40 13.28
CA TYR B 313 -1.80 -19.29 14.22
C TYR B 313 -1.57 -19.76 15.65
N GLU B 314 -0.83 -20.85 15.80
CA GLU B 314 -0.52 -21.35 17.17
C GLU B 314 0.34 -20.35 17.91
N GLY B 315 -0.20 -19.84 19.01
CA GLY B 315 0.50 -18.89 19.85
C GLY B 315 -0.02 -17.48 19.64
N VAL B 316 -1.08 -17.37 18.84
CA VAL B 316 -1.66 -16.06 18.52
C VAL B 316 -2.95 -15.84 19.31
N SER B 317 -2.92 -14.85 20.21
CA SER B 317 -4.12 -14.38 20.89
C SER B 317 -4.86 -13.47 19.94
N GLU B 318 -6.13 -13.24 20.22
CA GLU B 318 -6.90 -12.25 19.49
C GLU B 318 -7.13 -12.65 18.02
N PHE B 319 -7.00 -13.93 17.67
CA PHE B 319 -7.19 -14.29 16.25
C PHE B 319 -8.63 -13.99 15.83
N PHE B 320 -9.59 -14.39 16.67
CA PHE B 320 -10.99 -14.09 16.37
C PHE B 320 -11.27 -12.60 16.20
N THR B 321 -10.80 -11.81 17.16
CA THR B 321 -10.98 -10.35 17.11
C THR B 321 -10.33 -9.79 15.85
N ASP B 322 -9.11 -10.21 15.55
CA ASP B 322 -8.42 -9.68 14.39
C ASP B 322 -9.11 -10.09 13.10
N LEU B 323 -9.60 -11.33 13.07
CA LEU B 323 -10.32 -11.81 11.87
C LEU B 323 -11.64 -11.04 11.62
N LEU B 324 -12.42 -10.86 12.68
CA LEU B 324 -13.67 -10.10 12.59
C LEU B 324 -13.40 -8.64 12.20
N ASN B 325 -12.35 -8.08 12.74
CA ASN B 325 -12.00 -6.72 12.41
C ASN B 325 -11.59 -6.63 10.94
N HIS B 326 -10.87 -7.65 10.46
CA HIS B 326 -10.53 -7.65 9.06
C HIS B 326 -11.76 -7.75 8.15
N ILE B 327 -12.69 -8.61 8.56
CA ILE B 327 -13.95 -8.76 7.82
C ILE B 327 -14.67 -7.40 7.78
N ALA B 328 -14.70 -6.71 8.92
CA ALA B 328 -15.38 -5.42 8.98
C ALA B 328 -14.72 -4.38 8.06
N THR B 329 -13.39 -4.41 8.04
CA THR B 329 -12.60 -3.55 7.20
C THR B 329 -12.85 -3.80 5.71
N VAL B 330 -12.83 -5.07 5.30
CA VAL B 330 -13.08 -5.37 3.89
CA VAL B 330 -13.06 -5.36 3.91
C VAL B 330 -14.50 -5.05 3.46
N LEU B 331 -15.47 -5.27 4.35
CA LEU B 331 -16.84 -4.86 4.04
C LEU B 331 -16.92 -3.33 3.89
N GLN B 332 -16.27 -2.59 4.79
CA GLN B 332 -16.29 -1.13 4.70
C GLN B 332 -15.61 -0.70 3.41
N GLY B 333 -14.49 -1.36 3.12
CA GLY B 333 -13.67 -1.07 1.95
C GLY B 333 -14.48 -1.21 0.69
N GLN B 334 -15.30 -2.27 0.67
CA GLN B 334 -16.12 -2.51 -0.49
C GLN B 334 -17.22 -1.45 -0.59
N SER B 335 -17.88 -1.15 0.54
CA SER B 335 -19.02 -0.23 0.55
C SER B 335 -18.58 1.17 0.15
N THR B 336 -17.35 1.54 0.51
CA THR B 336 -16.90 2.93 0.32
C THR B 336 -15.84 3.04 -0.79
N ALA B 337 -15.70 1.98 -1.59
CA ALA B 337 -14.92 1.93 -2.83
C ALA B 337 -13.43 2.23 -2.62
N MET B 338 -12.84 1.47 -1.71
CA MET B 338 -11.44 1.62 -1.33
CA MET B 338 -11.44 1.63 -1.35
C MET B 338 -10.50 0.79 -2.21
N ALA B 339 -10.85 0.61 -3.48
CA ALA B 339 -9.99 -0.16 -4.38
C ALA B 339 -8.62 0.51 -4.54
N ALA B 340 -7.58 -0.32 -4.55
CA ALA B 340 -6.24 0.16 -4.84
C ALA B 340 -6.11 0.41 -6.32
N THR B 341 -5.29 1.40 -6.67
CA THR B 341 -4.99 1.60 -8.07
C THR B 341 -3.50 1.77 -8.24
N GLY B 342 -3.02 1.53 -9.46
CA GLY B 342 -1.59 1.60 -9.74
C GLY B 342 -0.78 0.49 -9.10
N ASP B 343 0.51 0.77 -8.95
CA ASP B 343 1.43 -0.14 -8.28
C ASP B 343 1.27 -0.08 -6.79
N VAL B 344 1.85 -1.05 -6.09
CA VAL B 344 1.93 -0.99 -4.63
C VAL B 344 2.60 0.31 -4.18
N ALA B 345 1.90 1.06 -3.34
CA ALA B 345 2.44 2.31 -2.88
C ALA B 345 3.15 2.03 -1.57
N LEU B 346 4.48 2.19 -1.60
CA LEU B 346 5.29 1.88 -0.41
C LEU B 346 5.29 3.02 0.58
#